data_3PGV
#
_entry.id   3PGV
#
_cell.length_a   118.569
_cell.length_b   61.961
_cell.length_c   169.407
_cell.angle_alpha   90.000
_cell.angle_beta   94.190
_cell.angle_gamma   90.000
#
_symmetry.space_group_name_H-M   'C 1 2 1'
#
loop_
_entity.id
_entity.type
_entity.pdbx_description
1 polymer 'haloacid dehalogenase-like hydrolase'
2 non-polymer 'CALCIUM ION'
3 non-polymer '4-(2-HYDROXYETHYL)-1-PIPERAZINE ETHANESULFONIC ACID'
4 non-polymer GLYCEROL
5 non-polymer 1,2-ETHANEDIOL
6 water water
#
_entity_poly.entity_id   1
_entity_poly.type   'polypeptide(L)'
_entity_poly.pdbx_seq_one_letter_code
;(MSE)GSDKIHHHHHHENLYFQG(MSE)YQVVASDLDGTLLSPDHFLTPYAKETLKLLTARGINFVFATGRHYIDVGQIR
DNLGIRSY(MSE)ITSNGARVHDSDGQQIFAHNLDRDIAADLFEIVRNDPKIVTNVYREDEWY(MSE)NRHRPEE(MSE)
RFFKEAVFNYKLYEPGELDPQGISKVFFTCEDHEHLLPLEQA(MSE)NARWGDRVNVSFSTLTCLEV(MSE)AGGVSKGH
ALEAVAK(MSE)LGYTLSDCIAFGDG(MSE)NDAE(MSE)LS(MSE)AGKGCI(MSE)ANAHQRLKDLHPELEVIGSNAD
DAVPRYLRKLYLD
;
_entity_poly.pdbx_strand_id   A,B,C,D
#
# COMPACT_ATOMS: atom_id res chain seq x y z
N TYR A 21 7.21 26.10 23.89
CA TYR A 21 5.96 25.34 23.78
C TYR A 21 6.22 23.85 23.81
N GLN A 22 5.70 23.16 24.82
CA GLN A 22 5.92 21.73 25.00
C GLN A 22 5.05 20.89 24.08
N VAL A 23 3.97 21.49 23.56
CA VAL A 23 3.05 20.79 22.65
C VAL A 23 2.99 21.49 21.30
N VAL A 24 3.27 20.75 20.22
CA VAL A 24 3.14 21.26 18.86
C VAL A 24 1.92 20.61 18.22
N ALA A 25 0.92 21.43 17.82
CA ALA A 25 -0.28 20.93 17.16
C ALA A 25 -0.27 21.34 15.71
N SER A 26 -0.54 20.40 14.81
CA SER A 26 -0.53 20.75 13.42
C SER A 26 -1.62 20.07 12.64
N ASP A 27 -2.31 20.84 11.79
CA ASP A 27 -3.19 20.31 10.78
C ASP A 27 -2.31 19.52 9.76
N LEU A 28 -2.91 18.64 8.96
CA LEU A 28 -2.12 17.84 8.03
C LEU A 28 -2.19 18.35 6.61
N ASP A 29 -3.35 18.20 5.94
CA ASP A 29 -3.52 18.64 4.56
C ASP A 29 -3.40 20.15 4.45
N GLY A 30 -2.50 20.61 3.58
CA GLY A 30 -2.27 22.04 3.35
C GLY A 30 -1.43 22.71 4.41
N THR A 31 -1.01 21.94 5.45
CA THR A 31 -0.24 22.47 6.57
C THR A 31 1.12 21.74 6.72
N LEU A 32 1.13 20.59 7.43
CA LEU A 32 2.35 19.81 7.59
C LEU A 32 2.66 19.00 6.30
N LEU A 33 1.60 18.49 5.63
CA LEU A 33 1.78 17.72 4.40
C LEU A 33 2.14 18.63 3.23
N SER A 34 2.96 18.11 2.30
CA SER A 34 3.36 18.85 1.11
C SER A 34 2.14 19.07 0.20
N PRO A 35 2.25 19.96 -0.84
CA PRO A 35 1.11 20.13 -1.77
C PRO A 35 0.72 18.81 -2.46
N ASP A 36 1.64 17.81 -2.47
CA ASP A 36 1.35 16.47 -3.01
C ASP A 36 0.91 15.46 -1.93
N HIS A 37 0.48 15.96 -0.74
CA HIS A 37 -0.09 15.18 0.37
C HIS A 37 0.89 14.19 1.00
N PHE A 38 2.19 14.52 0.99
CA PHE A 38 3.20 13.64 1.57
C PHE A 38 3.88 14.28 2.75
N LEU A 39 4.39 13.45 3.65
CA LEU A 39 5.24 13.89 4.73
C LEU A 39 6.69 13.77 4.24
N THR A 40 7.35 14.91 4.03
CA THR A 40 8.71 14.91 3.48
C THR A 40 9.70 14.32 4.47
N PRO A 41 10.83 13.75 3.98
CA PRO A 41 11.87 13.28 4.91
C PRO A 41 12.37 14.40 5.84
N TYR A 42 12.36 15.66 5.35
CA TYR A 42 12.75 16.84 6.15
C TYR A 42 11.79 17.01 7.32
N ALA A 43 10.48 16.86 7.05
CA ALA A 43 9.47 17.00 8.07
C ALA A 43 9.55 15.84 9.06
N LYS A 44 9.72 14.58 8.55
CA LYS A 44 9.89 13.39 9.44
C LYS A 44 11.06 13.59 10.37
N GLU A 45 12.19 14.11 9.85
CA GLU A 45 13.39 14.34 10.65
C GLU A 45 13.17 15.43 11.69
N THR A 46 12.36 16.46 11.36
CA THR A 46 12.02 17.52 12.32
C THR A 46 11.24 16.97 13.51
N LEU A 47 10.26 16.06 13.24
CA LEU A 47 9.47 15.42 14.29
C LEU A 47 10.37 14.59 15.21
N LYS A 48 11.40 13.89 14.62
CA LYS A 48 12.36 13.10 15.40
C LYS A 48 13.25 13.98 16.27
N LEU A 49 13.75 15.11 15.69
CA LEU A 49 14.66 16.02 16.41
C LEU A 49 13.97 16.69 17.60
N LEU A 50 12.70 17.08 17.44
CA LEU A 50 11.96 17.74 18.51
C LEU A 50 11.46 16.74 19.55
N THR A 51 11.12 15.50 19.10
CA THR A 51 10.72 14.40 20.00
C THR A 51 11.90 14.04 20.91
N ALA A 52 13.13 14.00 20.36
CA ALA A 52 14.35 13.70 21.13
C ALA A 52 14.60 14.78 22.20
N ARG A 53 14.02 15.99 22.02
CA ARG A 53 14.18 17.09 22.96
C ARG A 53 12.96 17.26 23.89
N GLY A 54 12.11 16.24 23.95
CA GLY A 54 10.97 16.20 24.87
C GLY A 54 9.69 16.88 24.37
N ILE A 55 9.67 17.33 23.11
CA ILE A 55 8.47 18.00 22.56
C ILE A 55 7.38 17.00 22.18
N ASN A 56 6.11 17.32 22.50
CA ASN A 56 4.95 16.49 22.18
C ASN A 56 4.28 16.96 20.93
N PHE A 57 3.79 16.03 20.10
CA PHE A 57 3.11 16.38 18.86
C PHE A 57 1.70 15.92 18.86
N VAL A 58 0.81 16.76 18.37
CA VAL A 58 -0.61 16.44 18.23
C VAL A 58 -1.04 16.79 16.80
N PHE A 59 -1.53 15.80 16.07
CA PHE A 59 -1.95 16.04 14.68
C PHE A 59 -3.46 16.09 14.59
N ALA A 60 -3.99 17.14 13.95
CA ALA A 60 -5.43 17.40 13.91
C ALA A 60 -5.94 17.51 12.50
N THR A 61 -6.85 16.64 12.13
CA THR A 61 -7.36 16.62 10.77
C THR A 61 -8.88 16.48 10.72
N GLY A 62 -9.46 16.84 9.58
CA GLY A 62 -10.85 16.60 9.28
C GLY A 62 -11.07 15.19 8.77
N ARG A 63 -9.98 14.53 8.35
CA ARG A 63 -10.04 13.15 7.85
C ARG A 63 -10.57 12.17 8.88
N HIS A 64 -11.11 11.04 8.41
CA HIS A 64 -11.49 9.94 9.30
C HIS A 64 -10.19 9.25 9.74
N TYR A 65 -10.19 8.64 10.92
CA TYR A 65 -9.01 7.94 11.44
C TYR A 65 -8.45 6.87 10.48
N ILE A 66 -9.34 6.12 9.82
CA ILE A 66 -8.93 5.10 8.85
C ILE A 66 -8.17 5.74 7.69
N ASP A 67 -8.56 6.99 7.33
CA ASP A 67 -7.99 7.75 6.22
C ASP A 67 -6.62 8.41 6.57
N VAL A 68 -6.15 8.30 7.82
CA VAL A 68 -4.83 8.83 8.20
C VAL A 68 -3.85 7.71 8.55
N GLY A 69 -4.24 6.47 8.23
CA GLY A 69 -3.43 5.27 8.50
C GLY A 69 -2.03 5.33 7.95
N GLN A 70 -1.90 5.67 6.66
CA GLN A 70 -0.58 5.73 6.03
C GLN A 70 0.26 6.87 6.59
N ILE A 71 -0.37 8.02 6.94
CA ILE A 71 0.32 9.14 7.54
C ILE A 71 0.88 8.76 8.91
N ARG A 72 0.02 8.18 9.80
CA ARG A 72 0.49 7.78 11.13
CA ARG A 72 0.40 7.70 11.16
C ARG A 72 1.58 6.70 11.09
N ASP A 73 1.53 5.78 10.09
CA ASP A 73 2.56 4.75 9.91
C ASP A 73 3.91 5.36 9.44
N ASN A 74 3.89 6.61 8.93
CA ASN A 74 5.08 7.27 8.42
C ASN A 74 5.58 8.44 9.29
N LEU A 75 4.84 8.80 10.37
CA LEU A 75 5.27 9.90 11.26
C LEU A 75 6.64 9.61 11.89
N GLY A 76 6.83 8.36 12.36
CA GLY A 76 8.07 7.95 13.00
C GLY A 76 8.10 8.24 14.48
N ILE A 77 7.05 8.89 15.00
CA ILE A 77 6.93 9.24 16.43
C ILE A 77 5.57 8.84 16.98
N ARG A 78 5.49 8.70 18.31
CA ARG A 78 4.23 8.38 18.99
C ARG A 78 3.52 9.69 19.27
N SER A 79 2.27 9.83 18.83
CA SER A 79 1.53 11.09 18.97
CA SER A 79 1.53 11.09 18.98
C SER A 79 0.04 10.85 19.11
N TYR A 80 -0.68 11.83 19.71
CA TYR A 80 -2.13 11.80 19.78
C TYR A 80 -2.68 12.23 18.41
N ILE A 82 -6.00 13.64 16.39
CA ILE A 82 -7.33 14.24 16.38
C ILE A 82 -7.90 14.07 14.98
N THR A 83 -9.03 13.34 14.85
CA THR A 83 -9.67 13.15 13.53
C THR A 83 -11.12 13.65 13.54
N SER A 84 -11.78 13.66 12.36
CA SER A 84 -13.15 14.18 12.20
C SER A 84 -13.34 15.55 12.88
N ASN A 85 -12.31 16.43 12.76
CA ASN A 85 -12.31 17.81 13.30
C ASN A 85 -12.54 17.86 14.80
N GLY A 86 -11.96 16.92 15.53
CA GLY A 86 -12.06 16.89 16.99
C GLY A 86 -13.14 15.99 17.55
N ALA A 87 -13.93 15.34 16.68
CA ALA A 87 -14.98 14.43 17.15
C ALA A 87 -14.37 13.14 17.71
N ARG A 88 -13.12 12.83 17.30
CA ARG A 88 -12.42 11.64 17.76
C ARG A 88 -11.00 11.98 18.20
N VAL A 89 -10.49 11.27 19.20
CA VAL A 89 -9.09 11.31 19.58
C VAL A 89 -8.59 9.88 19.79
N HIS A 90 -7.44 9.54 19.21
CA HIS A 90 -6.81 8.24 19.42
C HIS A 90 -5.44 8.46 19.98
N ASP A 91 -4.97 7.54 20.82
CA ASP A 91 -3.60 7.60 21.30
C ASP A 91 -2.67 6.95 20.28
N SER A 92 -1.34 6.91 20.56
CA SER A 92 -0.35 6.33 19.64
C SER A 92 -0.56 4.83 19.37
N ASP A 93 -1.38 4.14 20.18
CA ASP A 93 -1.65 2.71 20.02
C ASP A 93 -2.95 2.41 19.27
N GLY A 94 -3.61 3.46 18.77
CA GLY A 94 -4.83 3.32 18.01
C GLY A 94 -6.07 3.18 18.86
N GLN A 95 -5.92 3.39 20.18
CA GLN A 95 -7.04 3.29 21.11
CA GLN A 95 -7.06 3.30 21.09
C GLN A 95 -7.84 4.60 21.09
N GLN A 96 -9.16 4.50 20.85
CA GLN A 96 -10.03 5.66 20.80
C GLN A 96 -10.26 6.19 22.21
N ILE A 97 -9.71 7.39 22.52
CA ILE A 97 -9.88 7.99 23.84
C ILE A 97 -11.31 8.51 24.02
N PHE A 98 -11.83 9.23 23.02
CA PHE A 98 -13.20 9.72 23.06
C PHE A 98 -13.86 9.80 21.70
N ALA A 99 -15.19 9.80 21.68
CA ALA A 99 -15.99 9.96 20.49
C ALA A 99 -17.11 10.94 20.81
N HIS A 100 -16.99 12.16 20.32
CA HIS A 100 -18.00 13.19 20.58
C HIS A 100 -18.86 13.40 19.35
N ASN A 101 -20.02 12.78 19.35
CA ASN A 101 -20.88 12.71 18.18
C ASN A 101 -21.95 13.79 18.15
N LEU A 102 -22.57 13.97 16.98
CA LEU A 102 -23.71 14.88 16.80
C LEU A 102 -24.93 14.36 17.55
N ASP A 103 -25.76 15.28 18.09
CA ASP A 103 -27.04 14.87 18.71
C ASP A 103 -27.91 14.16 17.68
N ARG A 104 -28.59 13.08 18.11
CA ARG A 104 -29.38 12.20 17.23
C ARG A 104 -30.37 12.97 16.33
N ASP A 105 -31.13 13.90 16.92
CA ASP A 105 -32.13 14.66 16.17
C ASP A 105 -31.48 15.51 15.09
N ILE A 106 -30.28 16.08 15.38
CA ILE A 106 -29.56 16.92 14.42
C ILE A 106 -28.98 16.07 13.29
N ALA A 107 -28.36 14.93 13.64
CA ALA A 107 -27.83 13.99 12.64
C ALA A 107 -28.96 13.52 11.69
N ALA A 108 -30.12 13.16 12.24
CA ALA A 108 -31.27 12.71 11.44
C ALA A 108 -31.70 13.76 10.41
N ASP A 109 -31.73 15.06 10.83
CA ASP A 109 -32.09 16.17 9.94
C ASP A 109 -31.01 16.43 8.92
N LEU A 110 -29.72 16.41 9.34
CA LEU A 110 -28.58 16.62 8.44
C LEU A 110 -28.52 15.60 7.33
N PHE A 111 -29.00 14.35 7.60
CA PHE A 111 -29.02 13.27 6.60
C PHE A 111 -29.87 13.62 5.39
N GLU A 112 -30.90 14.49 5.58
CA GLU A 112 -31.92 14.73 4.58
C GLU A 112 -32.13 16.21 4.24
N ILE A 113 -31.41 17.13 4.95
CA ILE A 113 -31.63 18.58 4.78
C ILE A 113 -31.55 19.05 3.32
N VAL A 114 -30.63 18.46 2.52
CA VAL A 114 -30.48 18.84 1.11
C VAL A 114 -30.49 17.61 0.20
N ARG A 115 -31.39 16.65 0.50
CA ARG A 115 -31.52 15.44 -0.29
C ARG A 115 -31.81 15.75 -1.77
N ASN A 116 -32.69 16.74 -2.01
CA ASN A 116 -33.18 17.06 -3.36
C ASN A 116 -32.38 18.14 -4.07
N ASP A 117 -31.20 18.51 -3.52
CA ASP A 117 -30.36 19.51 -4.18
C ASP A 117 -29.35 18.77 -5.08
N PRO A 118 -29.56 18.79 -6.43
CA PRO A 118 -28.65 18.03 -7.30
C PRO A 118 -27.19 18.54 -7.25
N LYS A 119 -26.99 19.79 -6.76
CA LYS A 119 -25.65 20.39 -6.69
C LYS A 119 -24.87 19.92 -5.47
N ILE A 120 -25.56 19.44 -4.41
CA ILE A 120 -24.90 19.02 -3.18
C ILE A 120 -24.97 17.49 -2.95
N VAL A 121 -23.85 16.89 -2.53
CA VAL A 121 -23.82 15.50 -2.08
C VAL A 121 -23.67 15.51 -0.54
N THR A 122 -24.52 14.74 0.16
CA THR A 122 -24.44 14.65 1.62
C THR A 122 -23.58 13.45 2.03
N ASN A 123 -22.53 13.70 2.83
CA ASN A 123 -21.63 12.66 3.31
C ASN A 123 -21.73 12.52 4.80
N VAL A 124 -21.59 11.29 5.30
CA VAL A 124 -21.71 11.01 6.73
C VAL A 124 -20.58 10.08 7.19
N TYR A 125 -19.91 10.42 8.31
CA TYR A 125 -19.00 9.48 8.98
C TYR A 125 -19.70 8.92 10.19
N ARG A 126 -20.17 7.67 10.09
CA ARG A 126 -20.80 6.96 11.19
C ARG A 126 -19.86 5.91 11.68
N GLU A 127 -19.27 6.11 12.88
CA GLU A 127 -18.27 5.20 13.44
C GLU A 127 -17.13 4.99 12.42
N ASP A 128 -16.89 3.74 11.98
CA ASP A 128 -15.85 3.44 11.00
C ASP A 128 -16.37 3.38 9.57
N GLU A 129 -17.57 3.88 9.34
CA GLU A 129 -18.16 3.84 7.99
C GLU A 129 -18.38 5.21 7.38
N TRP A 130 -18.35 5.27 6.06
CA TRP A 130 -18.57 6.47 5.30
C TRP A 130 -19.79 6.29 4.43
N TYR A 131 -20.81 7.15 4.63
CA TYR A 131 -22.06 7.09 3.88
C TYR A 131 -22.22 8.29 2.98
N ASN A 133 -25.28 10.13 0.18
CA ASN A 133 -26.70 10.04 -0.23
C ASN A 133 -26.87 9.63 -1.69
N ARG A 134 -25.88 9.95 -2.54
CA ARG A 134 -25.87 9.53 -3.95
C ARG A 134 -24.46 9.66 -4.53
N HIS A 135 -24.16 8.95 -5.62
CA HIS A 135 -22.86 9.01 -6.30
C HIS A 135 -22.50 10.47 -6.65
N ARG A 136 -21.24 10.87 -6.43
CA ARG A 136 -20.79 12.23 -6.73
C ARG A 136 -20.69 12.46 -8.25
N PHE A 142 -0.93 6.71 -2.84
CA PHE A 142 -2.32 6.33 -3.11
C PHE A 142 -2.50 4.81 -3.12
N PHE A 143 -1.53 4.06 -3.68
CA PHE A 143 -1.60 2.59 -3.77
C PHE A 143 -1.48 1.91 -2.39
N LYS A 144 -0.78 2.57 -1.44
CA LYS A 144 -0.55 2.01 -0.10
C LYS A 144 -1.45 2.66 0.96
N GLU A 145 -2.49 3.39 0.49
CA GLU A 145 -3.49 4.02 1.36
C GLU A 145 -4.47 2.98 1.86
N ALA A 146 -5.13 3.26 2.97
CA ALA A 146 -6.12 2.34 3.51
C ALA A 146 -7.36 2.31 2.62
N VAL A 147 -8.01 1.13 2.53
CA VAL A 147 -9.27 1.00 1.82
C VAL A 147 -10.38 1.70 2.60
N PHE A 148 -10.86 2.84 2.09
CA PHE A 148 -11.94 3.58 2.74
C PHE A 148 -12.99 4.02 1.69
N ASN A 149 -14.09 3.25 1.57
CA ASN A 149 -15.14 3.45 0.56
C ASN A 149 -16.42 3.98 1.16
N TYR A 150 -17.32 4.48 0.32
CA TYR A 150 -18.61 4.94 0.78
C TYR A 150 -19.64 3.84 0.56
N LYS A 151 -20.72 3.87 1.33
CA LYS A 151 -21.92 3.12 1.09
C LYS A 151 -22.99 4.15 0.77
N LEU A 152 -23.96 3.81 -0.05
CA LEU A 152 -25.06 4.72 -0.33
C LEU A 152 -26.17 4.54 0.68
N TYR A 153 -26.95 5.59 0.93
CA TYR A 153 -28.11 5.49 1.83
C TYR A 153 -29.33 6.20 1.26
N GLU A 154 -30.50 5.57 1.37
CA GLU A 154 -31.75 6.15 0.93
C GLU A 154 -32.45 6.81 2.11
N PRO A 155 -33.35 7.80 1.88
CA PRO A 155 -33.98 8.49 3.02
C PRO A 155 -34.51 7.52 4.08
N GLY A 156 -34.05 7.73 5.32
CA GLY A 156 -34.50 6.96 6.49
C GLY A 156 -33.75 5.67 6.74
N GLU A 157 -32.92 5.22 5.81
CA GLU A 157 -32.23 3.95 6.00
C GLU A 157 -30.85 4.08 6.72
N LEU A 158 -30.50 5.28 7.22
CA LEU A 158 -29.24 5.45 7.96
C LEU A 158 -29.47 5.77 9.45
N ASP A 159 -28.81 5.03 10.36
CA ASP A 159 -28.94 5.22 11.80
C ASP A 159 -28.27 6.53 12.25
N PRO A 160 -29.03 7.42 12.97
CA PRO A 160 -28.45 8.72 13.36
C PRO A 160 -27.58 8.70 14.62
N GLN A 161 -27.12 7.51 15.02
CA GLN A 161 -26.19 7.43 16.16
C GLN A 161 -24.77 7.07 15.72
N GLY A 162 -23.77 7.60 16.44
CA GLY A 162 -22.35 7.39 16.15
C GLY A 162 -21.85 8.30 15.06
N ILE A 163 -22.51 9.46 14.86
CA ILE A 163 -22.14 10.38 13.77
C ILE A 163 -21.08 11.37 14.21
N SER A 164 -19.81 11.16 13.78
CA SER A 164 -18.72 12.09 14.12
C SER A 164 -18.86 13.39 13.33
N LYS A 165 -19.33 13.31 12.08
CA LYS A 165 -19.59 14.49 11.28
C LYS A 165 -20.43 14.22 10.04
N VAL A 166 -21.12 15.25 9.56
CA VAL A 166 -21.81 15.24 8.29
C VAL A 166 -21.16 16.33 7.44
N PHE A 167 -20.84 16.04 6.17
CA PHE A 167 -20.23 17.05 5.31
C PHE A 167 -20.86 17.12 3.93
N PHE A 168 -21.07 18.34 3.46
CA PHE A 168 -21.75 18.60 2.20
C PHE A 168 -20.75 19.01 1.16
N THR A 169 -20.62 18.20 0.09
CA THR A 169 -19.69 18.49 -1.01
C THR A 169 -20.43 19.07 -2.20
N CYS A 170 -19.88 20.15 -2.76
CA CYS A 170 -20.49 20.88 -3.88
C CYS A 170 -19.37 21.66 -4.60
N GLU A 171 -19.25 21.51 -5.94
CA GLU A 171 -18.25 22.22 -6.74
C GLU A 171 -18.44 23.75 -6.67
N ASP A 172 -19.69 24.20 -6.52
CA ASP A 172 -20.03 25.62 -6.44
C ASP A 172 -19.96 26.08 -4.96
N HIS A 173 -18.83 26.73 -4.57
CA HIS A 173 -18.61 27.24 -3.22
C HIS A 173 -19.70 28.19 -2.78
N GLU A 174 -20.08 29.15 -3.67
CA GLU A 174 -21.09 30.16 -3.39
C GLU A 174 -22.44 29.51 -3.04
N HIS A 175 -22.72 28.31 -3.59
CA HIS A 175 -23.97 27.60 -3.32
C HIS A 175 -24.02 27.04 -1.87
N LEU A 176 -22.83 26.76 -1.27
CA LEU A 176 -22.73 26.23 0.10
C LEU A 176 -22.87 27.32 1.16
N LEU A 177 -22.52 28.58 0.82
CA LEU A 177 -22.58 29.71 1.77
C LEU A 177 -23.98 29.91 2.43
N PRO A 178 -25.12 29.92 1.66
CA PRO A 178 -26.43 30.07 2.31
C PRO A 178 -26.80 28.85 3.17
N LEU A 179 -26.26 27.64 2.83
CA LEU A 179 -26.50 26.43 3.62
C LEU A 179 -25.78 26.54 4.98
N GLU A 180 -24.58 27.16 4.99
CA GLU A 180 -23.82 27.41 6.21
C GLU A 180 -24.62 28.31 7.15
N GLN A 181 -25.19 29.42 6.60
CA GLN A 181 -25.98 30.35 7.36
C GLN A 181 -27.23 29.73 7.92
N ALA A 182 -27.97 28.98 7.11
CA ALA A 182 -29.25 28.38 7.54
C ALA A 182 -29.06 27.40 8.68
N ASN A 184 -26.42 27.29 10.90
CA ASN A 184 -26.03 28.06 12.10
C ASN A 184 -27.23 28.71 12.76
N ALA A 185 -28.14 29.28 11.96
CA ALA A 185 -29.35 29.90 12.51
C ALA A 185 -30.30 28.84 13.08
N ARG A 186 -30.36 27.65 12.44
CA ARG A 186 -31.25 26.57 12.86
C ARG A 186 -30.85 25.93 14.20
N TRP A 187 -29.54 25.71 14.44
CA TRP A 187 -29.09 24.97 15.61
C TRP A 187 -28.23 25.72 16.63
N GLY A 188 -27.60 26.82 16.22
CA GLY A 188 -26.77 27.62 17.11
C GLY A 188 -25.64 26.85 17.76
N ASP A 189 -25.55 26.94 19.11
CA ASP A 189 -24.54 26.25 19.95
C ASP A 189 -24.49 24.74 19.74
N ARG A 190 -25.61 24.13 19.29
CA ARG A 190 -25.73 22.67 19.17
C ARG A 190 -24.87 22.08 18.03
N VAL A 191 -24.37 22.92 17.13
CA VAL A 191 -23.53 22.47 16.00
C VAL A 191 -22.28 23.33 15.89
N ASN A 192 -21.24 22.76 15.28
CA ASN A 192 -20.10 23.50 14.81
C ASN A 192 -20.04 23.33 13.30
N VAL A 193 -20.40 24.39 12.56
CA VAL A 193 -20.39 24.37 11.11
C VAL A 193 -19.09 24.99 10.62
N SER A 194 -18.29 24.23 9.84
CA SER A 194 -17.05 24.76 9.28
C SER A 194 -16.79 24.28 7.88
N PHE A 195 -16.28 25.17 7.01
CA PHE A 195 -15.73 24.74 5.72
C PHE A 195 -14.35 24.12 5.98
N SER A 196 -13.97 23.13 5.20
CA SER A 196 -12.58 22.67 5.18
C SER A 196 -11.96 23.22 3.88
N THR A 197 -12.35 22.65 2.72
CA THR A 197 -12.05 23.25 1.43
C THR A 197 -13.22 24.16 1.07
N LEU A 198 -13.15 24.86 -0.08
CA LEU A 198 -14.27 25.72 -0.52
C LEU A 198 -15.48 24.87 -0.90
N THR A 199 -15.24 23.59 -1.23
CA THR A 199 -16.25 22.68 -1.77
C THR A 199 -16.75 21.69 -0.74
N CYS A 200 -16.33 21.83 0.52
CA CYS A 200 -16.72 20.90 1.57
C CYS A 200 -17.15 21.61 2.84
N LEU A 201 -18.47 21.64 3.10
CA LEU A 201 -19.05 22.28 4.28
C LEU A 201 -19.35 21.23 5.32
N GLU A 202 -18.66 21.29 6.48
CA GLU A 202 -18.73 20.24 7.50
C GLU A 202 -19.51 20.63 8.73
N VAL A 203 -20.16 19.62 9.36
CA VAL A 203 -20.95 19.86 10.57
C VAL A 203 -20.56 18.86 11.63
N ALA A 205 -20.68 18.26 16.22
CA ALA A 205 -21.49 18.64 17.40
C ALA A 205 -20.96 19.93 17.97
N GLY A 206 -21.84 20.69 18.61
CA GLY A 206 -21.43 21.91 19.29
C GLY A 206 -20.43 21.62 20.38
N GLY A 207 -19.35 22.38 20.40
CA GLY A 207 -18.28 22.15 21.36
C GLY A 207 -17.22 21.21 20.82
N VAL A 208 -17.40 20.76 19.60
CA VAL A 208 -16.42 19.90 18.95
C VAL A 208 -15.67 20.68 17.87
N SER A 209 -14.35 20.76 17.97
CA SER A 209 -13.47 21.38 16.98
C SER A 209 -12.07 20.88 17.22
N LYS A 210 -11.13 21.18 16.30
CA LYS A 210 -9.73 20.80 16.49
C LYS A 210 -9.15 21.48 17.75
N GLY A 211 -9.61 22.71 18.03
CA GLY A 211 -9.19 23.50 19.17
C GLY A 211 -9.65 22.93 20.49
N HIS A 212 -10.93 22.52 20.58
CA HIS A 212 -11.47 21.92 21.81
C HIS A 212 -10.84 20.56 22.04
N ALA A 213 -10.57 19.80 20.95
CA ALA A 213 -9.90 18.50 21.08
C ALA A 213 -8.43 18.68 21.50
N LEU A 214 -7.76 19.76 20.97
CA LEU A 214 -6.38 20.08 21.35
C LEU A 214 -6.30 20.40 22.83
N GLU A 215 -7.26 21.19 23.35
CA GLU A 215 -7.32 21.50 24.77
C GLU A 215 -7.42 20.21 25.60
N ALA A 216 -8.29 19.26 25.17
CA ALA A 216 -8.48 17.97 25.87
C ALA A 216 -7.19 17.13 25.85
N VAL A 217 -6.52 17.08 24.67
CA VAL A 217 -5.28 16.33 24.50
C VAL A 217 -4.16 16.94 25.33
N ALA A 218 -4.02 18.28 25.30
CA ALA A 218 -3.00 19.00 26.09
C ALA A 218 -3.13 18.62 27.57
N LYS A 219 -4.39 18.56 28.07
CA LYS A 219 -4.66 18.17 29.45
C LYS A 219 -4.26 16.70 29.71
N LEU A 221 -1.82 15.24 28.31
CA LEU A 221 -0.35 15.29 28.34
C LEU A 221 0.17 16.01 29.58
N GLY A 222 -0.73 16.58 30.36
CA GLY A 222 -0.38 17.33 31.57
C GLY A 222 -0.03 18.79 31.30
N TYR A 223 -0.59 19.34 30.20
CA TYR A 223 -0.32 20.73 29.79
C TYR A 223 -1.64 21.50 29.59
N THR A 224 -1.54 22.77 29.18
CA THR A 224 -2.70 23.61 28.87
C THR A 224 -2.57 24.15 27.44
N LEU A 225 -3.57 24.93 26.98
CA LEU A 225 -3.54 25.57 25.66
C LEU A 225 -2.34 26.52 25.53
N SER A 226 -1.93 27.15 26.64
CA SER A 226 -0.79 28.08 26.68
C SER A 226 0.51 27.39 26.28
N ASP A 227 0.58 26.05 26.47
CA ASP A 227 1.77 25.26 26.16
C ASP A 227 1.77 24.81 24.72
N CYS A 228 0.75 25.25 23.95
CA CYS A 228 0.59 24.81 22.57
C CYS A 228 0.95 25.84 21.56
N ILE A 229 1.62 25.40 20.49
CA ILE A 229 1.78 26.15 19.26
C ILE A 229 1.05 25.37 18.16
N ALA A 230 0.15 26.04 17.41
CA ALA A 230 -0.65 25.36 16.40
C ALA A 230 -0.45 25.90 14.98
N PHE A 231 -0.65 25.03 13.97
CA PHE A 231 -0.50 25.38 12.55
C PHE A 231 -1.73 24.88 11.78
N GLY A 232 -2.27 25.73 10.90
CA GLY A 232 -3.46 25.39 10.10
C GLY A 232 -3.66 26.28 8.87
N ASP A 233 -4.58 25.89 7.98
CA ASP A 233 -4.82 26.64 6.73
C ASP A 233 -6.33 26.77 6.38
N GLY A 234 -7.20 26.15 7.18
CA GLY A 234 -8.63 26.15 6.90
C GLY A 234 -9.49 26.67 8.02
N ASN A 236 -11.72 25.05 9.57
CA ASN A 236 -11.78 24.01 10.61
C ASN A 236 -10.54 24.04 11.54
N ASP A 237 -9.61 25.01 11.30
CA ASP A 237 -8.43 25.22 12.18
C ASP A 237 -8.57 26.52 13.01
N ALA A 238 -9.59 27.35 12.70
CA ALA A 238 -9.77 28.67 13.30
C ALA A 238 -9.79 28.63 14.85
N GLU A 239 -10.59 27.72 15.46
CA GLU A 239 -10.64 27.59 16.93
C GLU A 239 -9.28 27.14 17.49
N LEU A 241 -6.24 27.52 16.16
CA LEU A 241 -5.22 28.56 16.01
C LEU A 241 -5.41 29.72 16.97
N SER A 242 -6.66 30.07 17.31
CA SER A 242 -6.92 31.18 18.24
C SER A 242 -6.90 30.73 19.71
N ALA A 244 -4.92 28.16 20.92
CA ALA A 244 -3.55 27.79 21.25
C ALA A 244 -2.78 28.99 21.77
N GLY A 245 -1.75 28.73 22.59
CA GLY A 245 -0.88 29.79 23.10
C GLY A 245 -0.27 30.61 21.97
N LYS A 246 0.09 29.91 20.86
CA LYS A 246 0.61 30.51 19.63
C LYS A 246 -0.02 29.82 18.40
N GLY A 247 -0.64 30.61 17.54
CA GLY A 247 -1.25 30.12 16.31
C GLY A 247 -0.60 30.67 15.06
N CYS A 248 -0.26 29.79 14.10
CA CYS A 248 0.35 30.19 12.81
C CYS A 248 -0.56 29.82 11.66
N ILE A 249 -0.83 30.78 10.77
CA ILE A 249 -1.63 30.57 9.56
C ILE A 249 -0.69 30.35 8.35
N ALA A 251 0.71 30.39 4.51
CA ALA A 251 0.59 31.36 3.42
C ALA A 251 -0.47 30.88 2.41
N ASN A 252 -0.58 29.54 2.25
CA ASN A 252 -1.52 28.93 1.31
C ASN A 252 -2.93 28.80 1.89
N ALA A 253 -3.15 29.35 3.11
CA ALA A 253 -4.44 29.25 3.79
C ALA A 253 -5.54 29.97 3.06
N HIS A 254 -6.80 29.59 3.35
CA HIS A 254 -7.97 30.29 2.82
C HIS A 254 -8.00 31.72 3.37
N GLN A 255 -8.34 32.70 2.51
CA GLN A 255 -8.37 34.12 2.86
C GLN A 255 -9.37 34.41 3.98
N ARG A 256 -10.48 33.66 4.04
CA ARG A 256 -11.49 33.84 5.07
C ARG A 256 -10.90 33.59 6.47
N LEU A 257 -9.95 32.63 6.58
CA LEU A 257 -9.26 32.35 7.84
C LEU A 257 -8.35 33.51 8.20
N LYS A 258 -7.60 34.04 7.21
CA LYS A 258 -6.71 35.19 7.42
C LYS A 258 -7.53 36.43 7.85
N ASP A 259 -8.70 36.64 7.22
CA ASP A 259 -9.58 37.78 7.51
C ASP A 259 -10.21 37.66 8.90
N LEU A 260 -10.62 36.44 9.31
CA LEU A 260 -11.23 36.21 10.62
C LEU A 260 -10.21 36.41 11.75
N HIS A 261 -8.95 36.05 11.51
CA HIS A 261 -7.92 36.17 12.53
C HIS A 261 -6.70 36.95 12.02
N PRO A 262 -6.82 38.28 11.84
CA PRO A 262 -5.67 39.07 11.34
C PRO A 262 -4.55 39.22 12.38
N GLU A 263 -4.86 38.93 13.66
CA GLU A 263 -3.88 39.02 14.75
C GLU A 263 -2.87 37.86 14.73
N LEU A 264 -3.15 36.80 13.96
CA LEU A 264 -2.28 35.64 13.91
C LEU A 264 -1.19 35.77 12.87
N GLU A 265 0.00 35.26 13.19
CA GLU A 265 1.12 35.26 12.27
C GLU A 265 0.84 34.38 11.06
N VAL A 266 1.12 34.90 9.87
CA VAL A 266 1.02 34.13 8.64
C VAL A 266 2.44 33.68 8.25
N ILE A 267 2.67 32.36 8.23
CA ILE A 267 3.98 31.83 7.86
C ILE A 267 3.99 31.43 6.39
N GLY A 268 5.07 30.79 5.94
CA GLY A 268 5.24 30.39 4.55
C GLY A 268 4.25 29.33 4.07
N SER A 269 4.40 28.88 2.83
CA SER A 269 3.55 27.88 2.22
C SER A 269 4.02 26.46 2.61
N ASN A 270 3.09 25.49 2.58
CA ASN A 270 3.47 24.08 2.80
C ASN A 270 4.38 23.59 1.62
N ALA A 271 4.36 24.35 0.48
CA ALA A 271 5.21 24.08 -0.67
C ALA A 271 6.69 24.28 -0.30
N ASP A 272 6.96 25.12 0.72
CA ASP A 272 8.33 25.37 1.20
C ASP A 272 8.67 24.47 2.38
N ASP A 273 7.72 23.61 2.84
CA ASP A 273 7.87 22.84 4.08
C ASP A 273 8.00 23.84 5.23
N ALA A 274 7.16 24.89 5.19
CA ALA A 274 7.22 26.02 6.14
C ALA A 274 7.08 25.62 7.59
N VAL A 275 6.20 24.64 7.90
CA VAL A 275 5.97 24.22 9.30
C VAL A 275 7.25 23.64 9.94
N PRO A 276 7.87 22.55 9.37
CA PRO A 276 9.08 21.98 10.00
C PRO A 276 10.26 22.96 10.03
N ARG A 277 10.36 23.85 9.01
CA ARG A 277 11.43 24.87 8.97
C ARG A 277 11.24 25.90 10.07
N TYR A 278 9.97 26.27 10.32
CA TYR A 278 9.62 27.21 11.39
C TYR A 278 9.97 26.59 12.74
N LEU A 279 9.64 25.29 12.91
CA LEU A 279 9.90 24.55 14.14
C LEU A 279 11.40 24.41 14.42
N ARG A 280 12.22 24.10 13.37
CA ARG A 280 13.68 24.00 13.53
C ARG A 280 14.27 25.35 13.91
N LYS A 281 13.75 26.44 13.33
CA LYS A 281 14.22 27.80 13.63
C LYS A 281 13.86 28.17 15.08
N LEU A 282 12.70 27.72 15.55
CA LEU A 282 12.18 28.02 16.89
C LEU A 282 12.83 27.16 17.99
N TYR A 283 13.04 25.86 17.72
CA TYR A 283 13.53 24.90 18.73
C TYR A 283 15.01 24.57 18.63
N LEU A 284 15.54 24.44 17.40
CA LEU A 284 16.93 23.98 17.21
C LEU A 284 17.90 25.13 16.94
N TYR B 21 10.37 -37.28 -19.92
CA TYR B 21 9.81 -36.57 -18.77
C TYR B 21 8.75 -37.44 -18.08
N GLN B 22 9.00 -37.85 -16.81
CA GLN B 22 8.09 -38.74 -16.08
C GLN B 22 6.79 -38.06 -15.67
N VAL B 23 6.80 -36.71 -15.62
CA VAL B 23 5.62 -35.94 -15.23
C VAL B 23 5.22 -35.00 -16.35
N VAL B 24 3.95 -35.08 -16.80
CA VAL B 24 3.40 -34.16 -17.78
C VAL B 24 2.40 -33.25 -17.07
N ALA B 25 2.66 -31.93 -17.10
CA ALA B 25 1.78 -30.94 -16.47
C ALA B 25 1.10 -30.13 -17.55
N SER B 26 -0.19 -29.94 -17.44
CA SER B 26 -0.88 -29.18 -18.44
C SER B 26 -1.98 -28.32 -17.87
N ASP B 27 -2.02 -27.07 -18.33
CA ASP B 27 -3.15 -26.19 -18.11
C ASP B 27 -4.37 -26.80 -18.88
N LEU B 28 -5.59 -26.41 -18.53
CA LEU B 28 -6.76 -26.97 -19.19
C LEU B 28 -7.35 -26.06 -20.26
N ASP B 29 -8.00 -24.96 -19.85
CA ASP B 29 -8.59 -24.01 -20.78
C ASP B 29 -7.54 -23.35 -21.65
N GLY B 30 -7.72 -23.44 -22.98
CA GLY B 30 -6.81 -22.88 -23.97
C GLY B 30 -5.55 -23.70 -24.19
N THR B 31 -5.41 -24.81 -23.46
CA THR B 31 -4.22 -25.65 -23.55
C THR B 31 -4.58 -27.11 -23.96
N LEU B 32 -4.95 -27.96 -22.99
CA LEU B 32 -5.34 -29.32 -23.27
C LEU B 32 -6.78 -29.37 -23.82
N LEU B 33 -7.67 -28.49 -23.31
CA LEU B 33 -9.05 -28.44 -23.77
C LEU B 33 -9.16 -27.77 -25.14
N SER B 34 -10.12 -28.23 -25.94
CA SER B 34 -10.37 -27.67 -27.28
C SER B 34 -10.87 -26.21 -27.15
N PRO B 35 -10.91 -25.44 -28.26
CA PRO B 35 -11.48 -24.09 -28.18
C PRO B 35 -12.93 -24.09 -27.65
N ASP B 36 -13.64 -25.25 -27.72
CA ASP B 36 -15.00 -25.39 -27.19
C ASP B 36 -15.02 -25.99 -25.76
N HIS B 37 -13.85 -25.97 -25.06
CA HIS B 37 -13.72 -26.38 -23.66
C HIS B 37 -13.96 -27.88 -23.42
N PHE B 38 -13.67 -28.73 -24.42
CA PHE B 38 -13.86 -30.16 -24.29
C PHE B 38 -12.56 -30.90 -24.36
N LEU B 39 -12.54 -32.09 -23.78
CA LEU B 39 -11.42 -33.00 -23.88
C LEU B 39 -11.76 -33.97 -25.02
N THR B 40 -11.05 -33.87 -26.13
CA THR B 40 -11.34 -34.70 -27.30
C THR B 40 -11.03 -36.17 -27.03
N PRO B 41 -11.70 -37.11 -27.73
CA PRO B 41 -11.35 -38.53 -27.59
C PRO B 41 -9.85 -38.79 -27.89
N TYR B 42 -9.28 -38.03 -28.85
CA TYR B 42 -7.87 -38.14 -29.20
C TYR B 42 -6.99 -37.77 -27.99
N ALA B 43 -7.35 -36.68 -27.28
CA ALA B 43 -6.62 -36.25 -26.08
C ALA B 43 -6.79 -37.29 -24.95
N LYS B 44 -8.04 -37.80 -24.74
CA LYS B 44 -8.32 -38.84 -23.71
CA LYS B 44 -8.30 -38.81 -23.70
C LYS B 44 -7.47 -40.07 -23.97
N GLU B 45 -7.37 -40.49 -25.25
CA GLU B 45 -6.61 -41.67 -25.66
C GLU B 45 -5.12 -41.46 -25.45
N THR B 46 -4.62 -40.23 -25.64
CA THR B 46 -3.22 -39.89 -25.41
C THR B 46 -2.88 -40.04 -23.93
N LEU B 47 -3.80 -39.61 -23.04
CA LEU B 47 -3.60 -39.75 -21.59
C LEU B 47 -3.51 -41.20 -21.21
N LYS B 48 -4.38 -42.06 -21.80
CA LYS B 48 -4.38 -43.51 -21.57
C LYS B 48 -3.09 -44.15 -22.07
N LEU B 49 -2.63 -43.78 -23.29
CA LEU B 49 -1.42 -44.38 -23.88
C LEU B 49 -0.18 -44.06 -23.08
N LEU B 50 -0.05 -42.83 -22.58
CA LEU B 50 1.10 -42.42 -21.79
C LEU B 50 1.03 -42.96 -20.36
N THR B 51 -0.20 -43.07 -19.80
CA THR B 51 -0.42 -43.67 -18.47
C THR B 51 -0.01 -45.14 -18.47
N ALA B 52 -0.35 -45.86 -19.56
CA ALA B 52 0.03 -47.28 -19.73
C ALA B 52 1.56 -47.45 -19.79
N ARG B 53 2.29 -46.38 -20.14
CA ARG B 53 3.75 -46.38 -20.22
C ARG B 53 4.44 -45.78 -18.97
N GLY B 54 3.67 -45.62 -17.89
CA GLY B 54 4.20 -45.15 -16.60
C GLY B 54 4.29 -43.64 -16.43
N ILE B 55 3.77 -42.87 -17.39
CA ILE B 55 3.83 -41.40 -17.28
C ILE B 55 2.76 -40.84 -16.32
N ASN B 56 3.15 -39.84 -15.49
CA ASN B 56 2.27 -39.19 -14.53
C ASN B 56 1.72 -37.90 -15.11
N PHE B 57 0.45 -37.60 -14.82
CA PHE B 57 -0.18 -36.39 -15.30
C PHE B 57 -0.61 -35.49 -14.18
N VAL B 58 -0.36 -34.20 -14.34
CA VAL B 58 -0.79 -33.18 -13.38
C VAL B 58 -1.53 -32.10 -14.14
N PHE B 59 -2.78 -31.85 -13.78
CA PHE B 59 -3.56 -30.81 -14.44
C PHE B 59 -3.69 -29.57 -13.56
N ALA B 60 -3.40 -28.39 -14.15
CA ALA B 60 -3.31 -27.12 -13.40
C ALA B 60 -4.22 -26.07 -13.98
N THR B 61 -5.17 -25.59 -13.18
CA THR B 61 -6.14 -24.62 -13.68
C THR B 61 -6.37 -23.49 -12.69
N GLY B 62 -6.92 -22.38 -13.19
CA GLY B 62 -7.38 -21.28 -12.38
C GLY B 62 -8.76 -21.56 -11.83
N ARG B 63 -9.48 -22.52 -12.44
CA ARG B 63 -10.84 -22.89 -12.00
C ARG B 63 -10.87 -23.42 -10.57
N HIS B 64 -12.08 -23.37 -9.96
CA HIS B 64 -12.32 -23.96 -8.66
C HIS B 64 -12.46 -25.50 -8.85
N TYR B 65 -12.07 -26.27 -7.84
CA TYR B 65 -12.14 -27.74 -7.91
C TYR B 65 -13.58 -28.25 -8.28
N ILE B 66 -14.64 -27.62 -7.70
CA ILE B 66 -16.04 -27.97 -8.03
C ILE B 66 -16.32 -27.76 -9.52
N ASP B 67 -15.62 -26.79 -10.14
CA ASP B 67 -15.82 -26.40 -11.52
C ASP B 67 -15.07 -27.32 -12.53
N VAL B 68 -14.12 -28.14 -12.06
CA VAL B 68 -13.43 -29.10 -12.96
C VAL B 68 -13.99 -30.51 -12.80
N GLY B 69 -15.15 -30.61 -12.14
CA GLY B 69 -15.81 -31.87 -11.86
C GLY B 69 -16.05 -32.73 -13.09
N GLN B 70 -16.70 -32.15 -14.13
CA GLN B 70 -17.01 -32.89 -15.34
C GLN B 70 -15.73 -33.26 -16.11
N ILE B 71 -14.69 -32.41 -16.00
CA ILE B 71 -13.42 -32.65 -16.67
C ILE B 71 -12.69 -33.82 -16.03
N ARG B 72 -12.53 -33.81 -14.68
CA ARG B 72 -11.86 -34.92 -14.00
C ARG B 72 -12.63 -36.23 -14.11
N ASP B 73 -13.98 -36.17 -14.23
CA ASP B 73 -14.78 -37.39 -14.44
C ASP B 73 -14.55 -37.98 -15.85
N ASN B 74 -14.02 -37.16 -16.79
CA ASN B 74 -13.80 -37.59 -18.18
C ASN B 74 -12.32 -37.74 -18.55
N LEU B 75 -11.41 -37.54 -17.58
CA LEU B 75 -9.97 -37.70 -17.85
C LEU B 75 -9.59 -39.16 -18.17
N GLY B 76 -10.26 -40.10 -17.48
CA GLY B 76 -10.04 -41.52 -17.68
C GLY B 76 -8.80 -42.04 -16.98
N ILE B 77 -8.06 -41.15 -16.28
CA ILE B 77 -6.83 -41.53 -15.57
C ILE B 77 -6.82 -40.92 -14.17
N ARG B 78 -6.05 -41.51 -13.25
CA ARG B 78 -5.87 -40.95 -11.92
C ARG B 78 -4.75 -39.93 -11.96
N SER B 79 -5.04 -38.68 -11.52
CA SER B 79 -4.08 -37.59 -11.60
CA SER B 79 -4.07 -37.60 -11.59
C SER B 79 -4.25 -36.62 -10.46
N TYR B 80 -3.18 -35.86 -10.14
CA TYR B 80 -3.24 -34.79 -9.18
C TYR B 80 -3.88 -33.58 -9.87
N ILE B 82 -4.41 -29.48 -9.69
CA ILE B 82 -4.04 -28.15 -9.16
C ILE B 82 -5.15 -27.18 -9.55
N THR B 83 -5.84 -26.57 -8.57
CA THR B 83 -6.91 -25.62 -8.85
C THR B 83 -6.63 -24.26 -8.18
N SER B 84 -7.48 -23.24 -8.48
CA SER B 84 -7.30 -21.87 -7.97
C SER B 84 -5.84 -21.37 -8.13
N ASN B 85 -5.21 -21.72 -9.30
CA ASN B 85 -3.84 -21.32 -9.66
C ASN B 85 -2.80 -21.74 -8.65
N GLY B 86 -2.95 -22.94 -8.10
CA GLY B 86 -1.99 -23.50 -7.16
C GLY B 86 -2.33 -23.31 -5.68
N ALA B 87 -3.43 -22.60 -5.38
CA ALA B 87 -3.84 -22.41 -3.98
C ALA B 87 -4.37 -23.73 -3.40
N ARG B 88 -4.80 -24.68 -4.27
CA ARG B 88 -5.32 -25.97 -3.84
C ARG B 88 -4.69 -27.11 -4.65
N VAL B 89 -4.51 -28.26 -4.01
CA VAL B 89 -4.13 -29.50 -4.69
C VAL B 89 -4.98 -30.64 -4.17
N HIS B 90 -5.56 -31.42 -5.10
CA HIS B 90 -6.33 -32.61 -4.76
C HIS B 90 -5.68 -33.83 -5.34
N ASP B 91 -5.77 -34.97 -4.65
CA ASP B 91 -5.30 -36.23 -5.23
C ASP B 91 -6.42 -36.83 -6.09
N SER B 92 -6.15 -37.98 -6.72
CA SER B 92 -7.14 -38.62 -7.61
C SER B 92 -8.39 -39.11 -6.88
N ASP B 93 -8.36 -39.16 -5.55
CA ASP B 93 -9.52 -39.60 -4.78
C ASP B 93 -10.38 -38.43 -4.28
N GLY B 94 -10.00 -37.20 -4.66
CA GLY B 94 -10.74 -36.01 -4.28
C GLY B 94 -10.32 -35.43 -2.94
N GLN B 95 -9.26 -35.98 -2.35
CA GLN B 95 -8.78 -35.47 -1.07
CA GLN B 95 -8.72 -35.51 -1.06
C GLN B 95 -7.95 -34.21 -1.26
N GLN B 96 -8.27 -33.16 -0.50
CA GLN B 96 -7.53 -31.91 -0.58
C GLN B 96 -6.20 -32.07 0.15
N ILE B 97 -5.07 -32.05 -0.59
CA ILE B 97 -3.75 -32.22 0.02
C ILE B 97 -3.35 -30.96 0.75
N PHE B 98 -3.52 -29.79 0.11
CA PHE B 98 -3.21 -28.53 0.77
C PHE B 98 -4.13 -27.40 0.32
N ALA B 99 -4.21 -26.36 1.15
CA ALA B 99 -4.95 -25.16 0.86
C ALA B 99 -4.09 -23.97 1.27
N HIS B 100 -3.51 -23.28 0.31
CA HIS B 100 -2.65 -22.13 0.58
C HIS B 100 -3.39 -20.85 0.29
N ASN B 101 -3.93 -20.23 1.35
CA ASN B 101 -4.82 -19.09 1.23
C ASN B 101 -4.12 -17.76 1.36
N LEU B 102 -4.81 -16.69 0.97
CA LEU B 102 -4.34 -15.31 1.11
C LEU B 102 -4.27 -14.92 2.58
N ASP B 103 -3.30 -14.07 2.96
CA ASP B 103 -3.26 -13.52 4.32
C ASP B 103 -4.57 -12.74 4.61
N ARG B 104 -5.13 -12.91 5.82
CA ARG B 104 -6.42 -12.32 6.21
C ARG B 104 -6.53 -10.82 5.93
N ASP B 105 -5.49 -10.03 6.28
CA ASP B 105 -5.52 -8.58 6.06
C ASP B 105 -5.58 -8.25 4.55
N ILE B 106 -4.85 -9.01 3.71
CA ILE B 106 -4.87 -8.81 2.24
C ILE B 106 -6.25 -9.19 1.69
N ALA B 107 -6.80 -10.38 2.10
CA ALA B 107 -8.12 -10.81 1.65
C ALA B 107 -9.19 -9.78 1.99
N ALA B 108 -9.17 -9.25 3.23
CA ALA B 108 -10.11 -8.24 3.68
C ALA B 108 -10.05 -6.99 2.80
N ASP B 109 -8.82 -6.55 2.43
CA ASP B 109 -8.64 -5.39 1.54
C ASP B 109 -9.13 -5.70 0.13
N LEU B 110 -8.73 -6.88 -0.41
CA LEU B 110 -9.13 -7.32 -1.76
C LEU B 110 -10.65 -7.34 -1.92
N PHE B 111 -11.38 -7.68 -0.84
CA PHE B 111 -12.85 -7.74 -0.85
C PHE B 111 -13.49 -6.41 -1.20
N GLU B 112 -12.85 -5.29 -0.80
CA GLU B 112 -13.47 -3.97 -0.94
C GLU B 112 -12.61 -2.95 -1.71
N ILE B 113 -11.41 -3.35 -2.18
CA ILE B 113 -10.47 -2.42 -2.84
C ILE B 113 -11.11 -1.62 -4.00
N VAL B 114 -11.96 -2.28 -4.81
CA VAL B 114 -12.64 -1.61 -5.93
C VAL B 114 -14.17 -1.79 -5.84
N ARG B 115 -14.72 -1.72 -4.60
CA ARG B 115 -16.17 -1.83 -4.37
C ARG B 115 -16.96 -0.84 -5.25
N ASN B 116 -16.58 0.45 -5.20
CA ASN B 116 -17.32 1.51 -5.89
C ASN B 116 -16.89 1.76 -7.32
N ASP B 117 -16.10 0.85 -7.91
CA ASP B 117 -15.73 0.94 -9.32
C ASP B 117 -16.79 0.18 -10.14
N PRO B 118 -17.66 0.90 -10.88
CA PRO B 118 -18.77 0.21 -11.58
C PRO B 118 -18.32 -0.69 -12.73
N LYS B 119 -17.06 -0.52 -13.19
CA LYS B 119 -16.53 -1.30 -14.33
C LYS B 119 -15.98 -2.66 -13.88
N ILE B 120 -15.65 -2.81 -12.59
CA ILE B 120 -15.07 -4.06 -12.09
C ILE B 120 -16.03 -4.80 -11.16
N VAL B 121 -16.11 -6.13 -11.31
CA VAL B 121 -16.80 -6.99 -10.36
C VAL B 121 -15.75 -7.76 -9.55
N THR B 122 -15.89 -7.78 -8.22
CA THR B 122 -14.95 -8.50 -7.36
C THR B 122 -15.49 -9.90 -7.05
N ASN B 123 -14.69 -10.93 -7.38
CA ASN B 123 -15.05 -12.31 -7.14
C ASN B 123 -14.14 -12.94 -6.12
N VAL B 124 -14.68 -13.85 -5.31
CA VAL B 124 -13.93 -14.48 -4.23
C VAL B 124 -14.21 -15.99 -4.21
N TYR B 125 -13.15 -16.80 -4.13
CA TYR B 125 -13.31 -18.22 -3.83
C TYR B 125 -12.95 -18.45 -2.39
N ARG B 126 -13.97 -18.65 -1.54
CA ARG B 126 -13.76 -18.97 -0.12
C ARG B 126 -14.13 -20.41 0.08
N GLU B 127 -13.14 -21.27 0.33
CA GLU B 127 -13.35 -22.72 0.46
C GLU B 127 -14.10 -23.25 -0.76
N ASP B 128 -15.28 -23.85 -0.56
CA ASP B 128 -16.08 -24.41 -1.66
C ASP B 128 -17.13 -23.44 -2.17
N GLU B 129 -17.03 -22.15 -1.79
CA GLU B 129 -18.03 -21.15 -2.19
C GLU B 129 -17.47 -20.07 -3.09
N TRP B 130 -18.33 -19.55 -3.95
CA TRP B 130 -18.01 -18.46 -4.86
C TRP B 130 -18.81 -17.21 -4.46
N TYR B 131 -18.11 -16.12 -4.13
CA TYR B 131 -18.75 -14.87 -3.76
C TYR B 131 -18.51 -13.79 -4.79
N ASN B 133 -19.29 -9.37 -5.41
CA ASN B 133 -19.72 -8.14 -4.70
C ASN B 133 -21.04 -7.59 -5.23
N ARG B 134 -21.32 -7.82 -6.51
CA ARG B 134 -22.58 -7.42 -7.14
C ARG B 134 -22.79 -8.19 -8.43
N HIS B 135 -24.04 -8.29 -8.92
CA HIS B 135 -24.34 -8.98 -10.19
C HIS B 135 -23.54 -8.40 -11.32
N ARG B 136 -22.98 -9.27 -12.20
CA ARG B 136 -22.18 -8.82 -13.35
C ARG B 136 -23.05 -8.10 -14.40
N PRO B 137 -22.46 -7.24 -15.26
CA PRO B 137 -23.27 -6.55 -16.29
C PRO B 137 -23.48 -7.40 -17.54
N VAL B 147 -23.06 -27.64 -11.90
CA VAL B 147 -23.74 -26.45 -11.39
C VAL B 147 -22.92 -25.83 -10.23
N PHE B 148 -22.30 -24.65 -10.48
CA PHE B 148 -21.50 -23.92 -9.49
C PHE B 148 -21.94 -22.47 -9.46
N ASN B 149 -22.75 -22.09 -8.44
CA ASN B 149 -23.33 -20.75 -8.36
C ASN B 149 -22.58 -19.83 -7.42
N TYR B 150 -22.94 -18.53 -7.43
CA TYR B 150 -22.32 -17.52 -6.57
C TYR B 150 -23.29 -17.00 -5.53
N LYS B 151 -22.76 -16.38 -4.48
CA LYS B 151 -23.54 -15.64 -3.48
C LYS B 151 -23.07 -14.21 -3.51
N LEU B 152 -23.94 -13.27 -3.18
CA LEU B 152 -23.53 -11.88 -3.11
C LEU B 152 -23.04 -11.55 -1.72
N TYR B 153 -22.15 -10.55 -1.60
CA TYR B 153 -21.69 -10.11 -0.29
C TYR B 153 -21.62 -8.59 -0.20
N GLU B 154 -22.08 -8.04 0.93
CA GLU B 154 -22.03 -6.61 1.20
C GLU B 154 -20.78 -6.32 2.05
N PRO B 155 -20.29 -5.05 2.10
CA PRO B 155 -19.05 -4.78 2.85
C PRO B 155 -19.03 -5.36 4.28
N GLY B 156 -18.04 -6.20 4.56
CA GLY B 156 -17.84 -6.77 5.88
C GLY B 156 -18.61 -8.05 6.15
N GLU B 157 -19.56 -8.42 5.27
CA GLU B 157 -20.35 -9.63 5.54
C GLU B 157 -19.70 -10.92 4.99
N LEU B 158 -18.41 -10.81 4.58
CA LEU B 158 -17.66 -11.95 4.06
C LEU B 158 -16.43 -12.19 4.93
N ASP B 159 -16.28 -13.43 5.42
CA ASP B 159 -15.15 -13.80 6.25
C ASP B 159 -13.84 -13.88 5.45
N PRO B 160 -12.77 -13.15 5.88
CA PRO B 160 -11.53 -13.14 5.08
C PRO B 160 -10.60 -14.34 5.30
N GLN B 161 -11.14 -15.44 5.85
CA GLN B 161 -10.35 -16.67 6.01
C GLN B 161 -10.80 -17.77 5.05
N GLY B 162 -9.85 -18.59 4.61
CA GLY B 162 -10.09 -19.65 3.65
C GLY B 162 -10.16 -19.18 2.20
N ILE B 163 -9.53 -18.02 1.91
CA ILE B 163 -9.60 -17.39 0.57
C ILE B 163 -8.50 -17.92 -0.35
N SER B 164 -8.86 -18.80 -1.29
CA SER B 164 -7.89 -19.36 -2.25
C SER B 164 -7.47 -18.30 -3.27
N LYS B 165 -8.42 -17.45 -3.68
CA LYS B 165 -8.12 -16.35 -4.59
C LYS B 165 -9.23 -15.32 -4.65
N VAL B 166 -8.86 -14.09 -5.01
CA VAL B 166 -9.78 -13.03 -5.34
C VAL B 166 -9.52 -12.66 -6.81
N PHE B 167 -10.57 -12.52 -7.61
CA PHE B 167 -10.40 -12.17 -9.02
C PHE B 167 -11.32 -11.06 -9.47
N PHE B 168 -10.77 -10.13 -10.22
CA PHE B 168 -11.48 -8.95 -10.68
C PHE B 168 -11.83 -9.09 -12.13
N THR B 169 -13.14 -9.12 -12.45
CA THR B 169 -13.61 -9.24 -13.83
C THR B 169 -14.06 -7.89 -14.36
N CYS B 170 -13.60 -7.56 -15.57
CA CYS B 170 -13.89 -6.28 -16.22
C CYS B 170 -13.73 -6.46 -17.73
N GLU B 171 -14.74 -6.08 -18.53
CA GLU B 171 -14.66 -6.23 -19.98
CA GLU B 171 -14.68 -6.20 -20.00
C GLU B 171 -13.56 -5.35 -20.59
N ASP B 172 -13.20 -4.25 -19.92
CA ASP B 172 -12.16 -3.34 -20.38
C ASP B 172 -10.81 -3.79 -19.81
N HIS B 173 -9.99 -4.48 -20.63
CA HIS B 173 -8.67 -4.99 -20.20
C HIS B 173 -7.77 -3.87 -19.72
N GLU B 174 -7.73 -2.76 -20.47
CA GLU B 174 -6.90 -1.60 -20.16
C GLU B 174 -7.22 -1.01 -18.78
N HIS B 175 -8.49 -1.14 -18.34
CA HIS B 175 -8.91 -0.62 -17.05
C HIS B 175 -8.33 -1.48 -15.86
N LEU B 176 -8.04 -2.78 -16.13
CA LEU B 176 -7.47 -3.68 -15.11
C LEU B 176 -5.96 -3.49 -14.93
N LEU B 177 -5.26 -3.02 -15.98
CA LEU B 177 -3.79 -2.83 -15.94
C LEU B 177 -3.30 -1.94 -14.76
N PRO B 178 -3.92 -0.75 -14.50
CA PRO B 178 -3.46 0.07 -13.35
C PRO B 178 -3.77 -0.60 -12.01
N LEU B 179 -4.83 -1.46 -11.96
CA LEU B 179 -5.18 -2.19 -10.73
C LEU B 179 -4.11 -3.25 -10.44
N GLU B 180 -3.58 -3.88 -11.51
CA GLU B 180 -2.48 -4.85 -11.39
C GLU B 180 -1.25 -4.17 -10.80
N GLN B 181 -0.88 -2.99 -11.36
CA GLN B 181 0.27 -2.21 -10.91
C GLN B 181 0.15 -1.82 -9.44
N ALA B 182 -1.03 -1.24 -9.06
CA ALA B 182 -1.30 -0.77 -7.70
C ALA B 182 -1.19 -1.89 -6.66
N ASN B 184 0.40 -4.82 -6.92
CA ASN B 184 1.78 -5.30 -6.86
C ASN B 184 2.64 -4.35 -6.05
N ALA B 185 2.41 -3.03 -6.19
CA ALA B 185 3.12 -1.99 -5.42
C ALA B 185 2.69 -1.98 -3.95
N ARG B 186 1.41 -2.30 -3.70
CA ARG B 186 0.83 -2.29 -2.37
C ARG B 186 1.34 -3.43 -1.49
N TRP B 187 1.44 -4.67 -2.05
CA TRP B 187 1.76 -5.84 -1.23
C TRP B 187 3.08 -6.58 -1.56
N GLY B 188 3.61 -6.39 -2.77
CA GLY B 188 4.83 -7.07 -3.19
C GLY B 188 4.79 -8.58 -3.08
N ASP B 189 5.80 -9.18 -2.40
CA ASP B 189 5.95 -10.66 -2.17
C ASP B 189 4.71 -11.32 -1.59
N ARG B 190 3.88 -10.55 -0.87
CA ARG B 190 2.75 -11.11 -0.12
C ARG B 190 1.60 -11.58 -1.01
N VAL B 191 1.64 -11.21 -2.31
CA VAL B 191 0.63 -11.62 -3.27
C VAL B 191 1.25 -12.10 -4.55
N ASN B 192 0.49 -12.91 -5.30
CA ASN B 192 0.79 -13.24 -6.67
C ASN B 192 -0.34 -12.71 -7.50
N VAL B 193 -0.10 -11.62 -8.23
CA VAL B 193 -1.11 -11.02 -9.11
C VAL B 193 -0.89 -11.52 -10.53
N SER B 194 -1.91 -12.18 -11.13
CA SER B 194 -1.81 -12.66 -12.51
C SER B 194 -3.11 -12.49 -13.26
N PHE B 195 -3.01 -12.10 -14.55
CA PHE B 195 -4.17 -12.20 -15.45
C PHE B 195 -4.33 -13.66 -15.87
N SER B 196 -5.57 -14.11 -16.05
CA SER B 196 -5.82 -15.39 -16.69
C SER B 196 -6.25 -15.07 -18.14
N THR B 197 -7.49 -14.56 -18.31
CA THR B 197 -7.91 -13.95 -19.58
C THR B 197 -7.58 -12.46 -19.49
N LEU B 198 -7.81 -11.70 -20.57
CA LEU B 198 -7.57 -10.24 -20.54
C LEU B 198 -8.56 -9.54 -19.59
N THR B 199 -9.70 -10.19 -19.31
CA THR B 199 -10.81 -9.59 -18.55
C THR B 199 -10.88 -10.12 -17.12
N CYS B 200 -9.88 -10.91 -16.69
CA CYS B 200 -9.90 -11.49 -15.37
C CYS B 200 -8.53 -11.36 -14.69
N LEU B 201 -8.43 -10.44 -13.72
CA LEU B 201 -7.19 -10.18 -12.98
C LEU B 201 -7.26 -10.89 -11.64
N GLU B 202 -6.39 -11.88 -11.44
CA GLU B 202 -6.45 -12.76 -10.26
C GLU B 202 -5.38 -12.50 -9.24
N VAL B 203 -5.73 -12.69 -7.94
CA VAL B 203 -4.79 -12.49 -6.83
C VAL B 203 -4.77 -13.71 -5.94
N ALA B 205 -2.09 -15.85 -2.84
CA ALA B 205 -1.07 -15.57 -1.85
C ALA B 205 0.32 -15.61 -2.49
N GLY B 206 1.26 -14.85 -1.94
CA GLY B 206 2.63 -14.87 -2.41
C GLY B 206 3.24 -16.23 -2.23
N GLY B 207 3.90 -16.73 -3.26
CA GLY B 207 4.46 -18.08 -3.24
C GLY B 207 3.49 -19.13 -3.75
N VAL B 208 2.29 -18.68 -4.16
CA VAL B 208 1.28 -19.56 -4.73
C VAL B 208 1.16 -19.32 -6.22
N SER B 209 1.37 -20.37 -7.04
CA SER B 209 1.21 -20.35 -8.50
C SER B 209 1.09 -21.78 -8.97
N LYS B 210 0.75 -21.98 -10.26
CA LYS B 210 0.68 -23.33 -10.85
C LYS B 210 2.07 -24.01 -10.80
N GLY B 211 3.12 -23.20 -10.97
CA GLY B 211 4.50 -23.66 -10.93
C GLY B 211 4.95 -24.13 -9.57
N HIS B 212 4.62 -23.36 -8.51
CA HIS B 212 4.98 -23.75 -7.15
C HIS B 212 4.19 -24.97 -6.73
N ALA B 213 2.92 -25.08 -7.18
CA ALA B 213 2.10 -26.25 -6.86
C ALA B 213 2.59 -27.49 -7.63
N LEU B 214 3.05 -27.30 -8.89
CA LEU B 214 3.64 -28.37 -9.69
C LEU B 214 4.87 -28.92 -9.03
N GLU B 215 5.74 -28.03 -8.52
CA GLU B 215 6.95 -28.45 -7.79
C GLU B 215 6.55 -29.34 -6.59
N ALA B 216 5.53 -28.91 -5.80
CA ALA B 216 5.04 -29.66 -4.63
C ALA B 216 4.48 -31.04 -5.05
N VAL B 217 3.68 -31.07 -6.13
CA VAL B 217 3.10 -32.30 -6.65
C VAL B 217 4.17 -33.26 -7.19
N ALA B 218 5.15 -32.73 -7.95
CA ALA B 218 6.27 -33.54 -8.47
C ALA B 218 6.99 -34.24 -7.32
N LYS B 219 7.22 -33.51 -6.21
CA LYS B 219 7.84 -34.07 -5.02
C LYS B 219 6.98 -35.17 -4.38
N LEU B 221 5.08 -37.14 -6.01
CA LEU B 221 5.22 -38.26 -6.93
C LEU B 221 6.63 -38.88 -6.87
N GLY B 222 7.54 -38.26 -6.12
CA GLY B 222 8.92 -38.71 -6.00
C GLY B 222 9.83 -38.19 -7.09
N TYR B 223 9.46 -37.04 -7.71
CA TYR B 223 10.21 -36.42 -8.79
C TYR B 223 10.56 -34.96 -8.47
N THR B 224 11.21 -34.27 -9.41
CA THR B 224 11.54 -32.84 -9.27
C THR B 224 11.00 -32.08 -10.47
N LEU B 225 11.21 -30.76 -10.50
CA LEU B 225 10.76 -29.91 -11.62
C LEU B 225 11.43 -30.33 -12.93
N SER B 226 12.69 -30.86 -12.84
CA SER B 226 13.46 -31.33 -14.01
C SER B 226 12.77 -32.49 -14.71
N ASP B 227 11.90 -33.22 -13.99
CA ASP B 227 11.18 -34.36 -14.52
C ASP B 227 9.86 -33.95 -15.15
N CYS B 228 9.56 -32.65 -15.13
CA CYS B 228 8.30 -32.14 -15.64
C CYS B 228 8.43 -31.50 -17.04
N ILE B 229 7.43 -31.76 -17.90
CA ILE B 229 7.16 -31.03 -19.11
C ILE B 229 5.79 -30.34 -18.94
N ALA B 230 5.73 -29.03 -19.16
CA ALA B 230 4.50 -28.27 -18.90
C ALA B 230 3.95 -27.56 -20.14
N PHE B 231 2.62 -27.37 -20.18
CA PHE B 231 1.94 -26.70 -21.29
C PHE B 231 0.98 -25.65 -20.71
N GLY B 232 0.96 -24.46 -21.34
CA GLY B 232 0.11 -23.35 -20.89
C GLY B 232 -0.06 -22.26 -21.93
N ASP B 233 -1.01 -21.35 -21.70
CA ASP B 233 -1.32 -20.28 -22.67
C ASP B 233 -1.54 -18.89 -21.99
N GLY B 234 -1.52 -18.84 -20.66
CA GLY B 234 -1.80 -17.61 -19.93
C GLY B 234 -0.72 -17.16 -18.96
N ASN B 236 -0.99 -16.83 -15.82
CA ASN B 236 -1.06 -17.70 -14.65
C ASN B 236 -0.32 -19.06 -14.89
N ASP B 237 0.29 -19.24 -16.10
CA ASP B 237 1.10 -20.43 -16.43
C ASP B 237 2.59 -20.10 -16.49
N ALA B 238 2.93 -18.79 -16.47
CA ALA B 238 4.31 -18.31 -16.64
C ALA B 238 5.32 -19.01 -15.68
N GLU B 239 5.02 -19.06 -14.37
CA GLU B 239 5.91 -19.69 -13.39
C GLU B 239 6.03 -21.19 -13.68
N LEU B 241 5.61 -22.80 -16.59
CA LEU B 241 6.33 -23.05 -17.83
C LEU B 241 7.83 -22.80 -17.70
N SER B 242 8.24 -21.82 -16.87
CA SER B 242 9.67 -21.52 -16.70
C SER B 242 10.33 -22.38 -15.62
N ALA B 244 9.35 -25.59 -14.86
CA ALA B 244 9.37 -26.99 -15.36
C ALA B 244 10.65 -27.25 -16.13
N GLY B 245 11.09 -28.52 -16.17
CA GLY B 245 12.26 -28.90 -16.95
C GLY B 245 12.11 -28.50 -18.39
N LYS B 246 10.90 -28.67 -18.94
CA LYS B 246 10.54 -28.26 -20.29
C LYS B 246 9.17 -27.56 -20.29
N GLY B 247 9.12 -26.35 -20.83
CA GLY B 247 7.90 -25.56 -20.92
C GLY B 247 7.51 -25.25 -22.35
N CYS B 248 6.23 -25.52 -22.71
CA CYS B 248 5.70 -25.25 -24.06
C CYS B 248 4.59 -24.22 -23.99
N ILE B 249 4.69 -23.18 -24.84
CA ILE B 249 3.67 -22.15 -24.94
C ILE B 249 2.76 -22.46 -26.15
N ALA B 251 0.28 -21.83 -29.34
CA ALA B 251 0.24 -20.80 -30.40
C ALA B 251 -0.85 -19.78 -30.09
N ASN B 252 -1.95 -20.22 -29.46
CA ASN B 252 -3.10 -19.37 -29.13
C ASN B 252 -2.87 -18.60 -27.82
N ALA B 253 -1.67 -18.72 -27.22
CA ALA B 253 -1.36 -18.07 -25.95
C ALA B 253 -1.37 -16.56 -26.04
N HIS B 254 -1.56 -15.89 -24.89
CA HIS B 254 -1.47 -14.44 -24.82
C HIS B 254 -0.06 -13.99 -25.17
N GLN B 255 0.05 -12.90 -25.96
CA GLN B 255 1.33 -12.37 -26.43
C GLN B 255 2.25 -11.96 -25.29
N ARG B 256 1.66 -11.46 -24.18
CA ARG B 256 2.41 -11.04 -23.01
C ARG B 256 3.22 -12.21 -22.41
N LEU B 257 2.65 -13.45 -22.46
CA LEU B 257 3.35 -14.67 -22.01
C LEU B 257 4.51 -14.99 -22.96
N LYS B 258 4.26 -14.91 -24.29
CA LYS B 258 5.30 -15.15 -25.28
C LYS B 258 6.45 -14.15 -25.13
N ASP B 259 6.11 -12.85 -24.87
CA ASP B 259 7.09 -11.77 -24.71
C ASP B 259 7.91 -11.94 -23.43
N LEU B 260 7.25 -12.36 -22.32
CA LEU B 260 7.91 -12.55 -21.05
C LEU B 260 8.90 -13.73 -21.10
N HIS B 261 8.56 -14.78 -21.86
CA HIS B 261 9.41 -15.96 -21.97
C HIS B 261 9.72 -16.33 -23.41
N PRO B 262 10.57 -15.53 -24.12
CA PRO B 262 10.88 -15.85 -25.52
C PRO B 262 11.77 -17.08 -25.68
N GLU B 263 12.38 -17.53 -24.58
CA GLU B 263 13.25 -18.72 -24.59
C GLU B 263 12.45 -20.04 -24.67
N LEU B 264 11.14 -19.99 -24.42
CA LEU B 264 10.31 -21.18 -24.44
C LEU B 264 9.77 -21.51 -25.80
N GLU B 265 9.67 -22.81 -26.10
CA GLU B 265 9.12 -23.28 -27.36
C GLU B 265 7.64 -22.94 -27.48
N VAL B 266 7.24 -22.40 -28.64
CA VAL B 266 5.83 -22.15 -28.92
C VAL B 266 5.33 -23.28 -29.83
N ILE B 267 4.37 -24.06 -29.36
CA ILE B 267 3.81 -25.15 -30.14
C ILE B 267 2.52 -24.69 -30.83
N GLY B 268 1.81 -25.63 -31.48
CA GLY B 268 0.57 -25.34 -32.19
C GLY B 268 -0.59 -24.88 -31.31
N SER B 269 -1.75 -24.65 -31.93
CA SER B 269 -2.94 -24.19 -31.25
C SER B 269 -3.69 -25.38 -30.61
N ASN B 270 -4.46 -25.10 -29.52
CA ASN B 270 -5.34 -26.13 -28.95
C ASN B 270 -6.44 -26.53 -29.99
N ALA B 271 -6.66 -25.66 -31.00
CA ALA B 271 -7.58 -25.93 -32.12
C ALA B 271 -7.12 -27.14 -32.94
N ASP B 272 -5.79 -27.43 -32.94
CA ASP B 272 -5.21 -28.58 -33.63
C ASP B 272 -5.05 -29.78 -32.70
N ASP B 273 -5.43 -29.63 -31.39
CA ASP B 273 -5.16 -30.65 -30.37
C ASP B 273 -3.63 -30.79 -30.26
N ALA B 274 -2.91 -29.65 -30.30
CA ALA B 274 -1.45 -29.60 -30.33
C ALA B 274 -0.77 -30.30 -29.16
N VAL B 275 -1.33 -30.19 -27.93
CA VAL B 275 -0.72 -30.84 -26.75
C VAL B 275 -0.64 -32.38 -26.88
N PRO B 276 -1.79 -33.10 -27.07
CA PRO B 276 -1.71 -34.57 -27.18
C PRO B 276 -0.91 -35.05 -28.40
N ARG B 277 -0.94 -34.28 -29.51
CA ARG B 277 -0.16 -34.61 -30.71
C ARG B 277 1.32 -34.46 -30.45
N TYR B 278 1.71 -33.42 -29.70
CA TYR B 278 3.10 -33.18 -29.31
C TYR B 278 3.57 -34.32 -28.43
N LEU B 279 2.73 -34.74 -27.47
CA LEU B 279 3.03 -35.83 -26.52
C LEU B 279 3.21 -37.16 -27.24
N ARG B 280 2.31 -37.48 -28.22
CA ARG B 280 2.42 -38.74 -29.00
C ARG B 280 3.70 -38.75 -29.81
N LYS B 281 4.07 -37.58 -30.38
CA LYS B 281 5.30 -37.45 -31.18
C LYS B 281 6.52 -37.63 -30.28
N LEU B 282 6.44 -37.16 -29.04
CA LEU B 282 7.54 -37.20 -28.10
C LEU B 282 7.69 -38.58 -27.42
N TYR B 283 6.57 -39.21 -27.04
CA TYR B 283 6.59 -40.46 -26.26
C TYR B 283 6.34 -41.74 -27.08
N LEU B 284 5.46 -41.67 -28.09
CA LEU B 284 5.05 -42.87 -28.83
C LEU B 284 5.78 -43.04 -30.18
N ASP B 285 6.18 -41.94 -30.81
CA ASP B 285 6.88 -42.01 -32.11
C ASP B 285 8.38 -42.29 -31.90
N TYR C 21 -5.40 44.24 -20.34
CA TYR C 21 -4.54 43.11 -20.72
C TYR C 21 -5.31 42.11 -21.59
N GLN C 22 -4.98 42.06 -22.89
CA GLN C 22 -5.64 41.19 -23.88
C GLN C 22 -5.17 39.73 -23.78
N VAL C 23 -4.02 39.51 -23.15
CA VAL C 23 -3.46 38.17 -22.99
C VAL C 23 -3.36 37.83 -21.50
N VAL C 24 -3.97 36.70 -21.09
CA VAL C 24 -3.83 36.18 -19.73
C VAL C 24 -2.94 34.96 -19.78
N ALA C 25 -1.79 35.01 -19.06
CA ALA C 25 -0.87 33.88 -18.99
C ALA C 25 -0.91 33.29 -17.60
N SER C 26 -1.02 31.97 -17.51
CA SER C 26 -1.06 31.37 -16.21
C SER C 26 -0.32 30.07 -16.14
N ASP C 27 0.48 29.91 -15.08
CA ASP C 27 1.04 28.62 -14.70
C ASP C 27 -0.14 27.70 -14.30
N LEU C 28 0.08 26.38 -14.27
CA LEU C 28 -1.01 25.45 -13.95
C LEU C 28 -0.95 24.94 -12.51
N ASP C 29 0.01 24.07 -12.21
CA ASP C 29 0.17 23.50 -10.87
C ASP C 29 0.50 24.57 -9.86
N GLY C 30 -0.31 24.66 -8.81
CA GLY C 30 -0.13 25.64 -7.74
C GLY C 30 -0.61 27.03 -8.09
N THR C 31 -1.15 27.22 -9.31
CA THR C 31 -1.60 28.53 -9.77
C THR C 31 -3.08 28.48 -10.21
N LEU C 32 -3.36 28.09 -11.47
CA LEU C 32 -4.73 27.96 -11.95
C LEU C 32 -5.40 26.68 -11.40
N LEU C 33 -4.62 25.58 -11.28
CA LEU C 33 -5.15 24.33 -10.78
C LEU C 33 -5.35 24.37 -9.27
N SER C 34 -6.38 23.67 -8.78
CA SER C 34 -6.66 23.58 -7.33
C SER C 34 -5.53 22.83 -6.62
N PRO C 35 -5.46 22.88 -5.26
CA PRO C 35 -4.44 22.07 -4.55
C PRO C 35 -4.53 20.58 -4.88
N ASP C 36 -5.70 20.11 -5.41
CA ASP C 36 -5.89 18.72 -5.83
C ASP C 36 -5.65 18.51 -7.34
N HIS C 37 -4.98 19.49 -8.00
CA HIS C 37 -4.55 19.43 -9.42
C HIS C 37 -5.71 19.39 -10.42
N PHE C 38 -6.85 20.00 -10.06
CA PHE C 38 -8.00 20.04 -10.96
C PHE C 38 -8.32 21.43 -11.40
N LEU C 39 -8.97 21.53 -12.55
CA LEU C 39 -9.52 22.79 -13.05
C LEU C 39 -10.98 22.84 -12.60
N THR C 40 -11.30 23.72 -11.67
CA THR C 40 -12.66 23.76 -11.10
C THR C 40 -13.67 24.24 -12.14
N PRO C 41 -14.96 23.86 -12.01
CA PRO C 41 -15.98 24.41 -12.92
C PRO C 41 -16.00 25.94 -12.89
N TYR C 42 -15.70 26.56 -11.72
CA TYR C 42 -15.63 28.02 -11.58
C TYR C 42 -14.52 28.60 -12.47
N ALA C 43 -13.32 27.94 -12.47
CA ALA C 43 -12.20 28.34 -13.30
C ALA C 43 -12.52 28.14 -14.78
N LYS C 44 -13.14 26.97 -15.16
CA LYS C 44 -13.54 26.69 -16.56
C LYS C 44 -14.51 27.77 -17.05
N GLU C 45 -15.48 28.16 -16.20
CA GLU C 45 -16.48 29.16 -16.55
C GLU C 45 -15.86 30.53 -16.72
N THR C 46 -14.82 30.85 -15.91
CA THR C 46 -14.08 32.11 -16.03
C THR C 46 -13.37 32.20 -17.37
N LEU C 47 -12.72 31.09 -17.83
CA LEU C 47 -12.05 31.10 -19.14
C LEU C 47 -13.07 31.37 -20.22
N LYS C 48 -14.24 30.69 -20.14
CA LYS C 48 -15.32 30.85 -21.13
CA LYS C 48 -15.34 30.84 -21.12
C LYS C 48 -15.83 32.30 -21.16
N LEU C 49 -16.06 32.91 -19.99
CA LEU C 49 -16.57 34.28 -19.90
C LEU C 49 -15.59 35.30 -20.47
N LEU C 50 -14.28 35.13 -20.21
CA LEU C 50 -13.26 36.05 -20.71
C LEU C 50 -12.98 35.81 -22.20
N THR C 51 -13.06 34.53 -22.65
CA THR C 51 -12.90 34.17 -24.06
C THR C 51 -14.01 34.82 -24.90
N ALA C 52 -15.25 34.82 -24.36
CA ALA C 52 -16.41 35.44 -25.01
C ALA C 52 -16.21 36.96 -25.17
N ARG C 53 -15.34 37.55 -24.32
CA ARG C 53 -15.06 38.98 -24.35
C ARG C 53 -13.75 39.35 -25.08
N GLY C 54 -13.22 38.38 -25.85
CA GLY C 54 -12.05 38.59 -26.70
C GLY C 54 -10.70 38.39 -26.03
N ILE C 55 -10.68 37.93 -24.76
CA ILE C 55 -9.43 37.72 -24.04
C ILE C 55 -8.73 36.40 -24.48
N ASN C 56 -7.40 36.45 -24.65
CA ASN C 56 -6.59 35.30 -25.05
C ASN C 56 -5.95 34.67 -23.86
N PHE C 57 -5.87 33.33 -23.85
CA PHE C 57 -5.26 32.61 -22.74
C PHE C 57 -4.05 31.84 -23.18
N VAL C 58 -2.99 31.90 -22.38
CA VAL C 58 -1.77 31.15 -22.63
C VAL C 58 -1.42 30.40 -21.34
N PHE C 59 -1.32 29.08 -21.41
CA PHE C 59 -0.99 28.27 -20.24
C PHE C 59 0.47 27.80 -20.30
N ALA C 60 1.21 28.02 -19.19
CA ALA C 60 2.64 27.77 -19.16
C ALA C 60 3.02 26.84 -18.04
N THR C 61 3.58 25.69 -18.38
CA THR C 61 3.91 24.68 -17.38
C THR C 61 5.30 24.09 -17.59
N GLY C 62 5.84 23.48 -16.53
CA GLY C 62 7.06 22.72 -16.61
C GLY C 62 6.79 21.31 -17.12
N ARG C 63 5.51 20.89 -17.07
CA ARG C 63 5.10 19.56 -17.53
C ARG C 63 5.42 19.33 -18.99
N HIS C 64 5.55 18.08 -19.37
CA HIS C 64 5.67 17.69 -20.77
C HIS C 64 4.27 17.86 -21.43
N TYR C 65 4.22 18.17 -22.73
CA TYR C 65 2.95 18.34 -23.44
C TYR C 65 1.98 17.10 -23.29
N ILE C 66 2.54 15.89 -23.19
CA ILE C 66 1.73 14.68 -23.01
C ILE C 66 1.09 14.66 -21.60
N ASP C 67 1.77 15.25 -20.60
CA ASP C 67 1.26 15.31 -19.23
C ASP C 67 0.10 16.28 -19.04
N VAL C 68 -0.08 17.24 -19.97
CA VAL C 68 -1.17 18.23 -19.85
C VAL C 68 -2.35 17.87 -20.75
N GLY C 69 -2.37 16.63 -21.24
CA GLY C 69 -3.41 16.14 -22.11
C GLY C 69 -4.80 16.27 -21.52
N GLN C 70 -5.00 15.72 -20.31
CA GLN C 70 -6.32 15.78 -19.66
C GLN C 70 -6.70 17.23 -19.30
N ILE C 71 -5.71 18.09 -18.95
CA ILE C 71 -5.95 19.51 -18.68
C ILE C 71 -6.45 20.24 -19.92
N ARG C 72 -5.71 20.15 -21.06
CA ARG C 72 -6.14 20.83 -22.29
C ARG C 72 -7.47 20.29 -22.87
N ASP C 73 -7.79 19.02 -22.60
CA ASP C 73 -9.07 18.46 -23.01
C ASP C 73 -10.24 19.02 -22.15
N ASN C 74 -9.91 19.63 -21.00
CA ASN C 74 -10.93 20.15 -20.08
C ASN C 74 -10.97 21.68 -19.98
N LEU C 75 -10.08 22.39 -20.73
CA LEU C 75 -10.08 23.87 -20.68
C LEU C 75 -11.39 24.46 -21.26
N GLY C 76 -11.92 23.83 -22.32
CA GLY C 76 -13.14 24.27 -22.99
C GLY C 76 -12.92 25.45 -23.92
N ILE C 77 -11.65 25.93 -24.02
CA ILE C 77 -11.27 27.04 -24.89
C ILE C 77 -10.03 26.68 -25.69
N ARG C 78 -9.85 27.34 -26.84
CA ARG C 78 -8.65 27.17 -27.65
C ARG C 78 -7.59 28.10 -27.14
N SER C 79 -6.40 27.55 -26.82
CA SER C 79 -5.31 28.32 -26.25
CA SER C 79 -5.31 28.33 -26.26
C SER C 79 -3.95 27.80 -26.65
N TYR C 80 -2.92 28.66 -26.59
CA TYR C 80 -1.54 28.25 -26.82
C TYR C 80 -1.04 27.55 -25.54
N ILE C 82 2.35 26.37 -23.45
CA ILE C 82 3.79 26.42 -23.22
C ILE C 82 4.14 25.27 -22.29
N THR C 83 4.99 24.32 -22.76
CA THR C 83 5.40 23.19 -21.92
C THR C 83 6.91 23.13 -21.76
N SER C 84 7.41 22.21 -20.90
CA SER C 84 8.85 22.06 -20.60
C SER C 84 9.52 23.44 -20.31
N ASN C 85 8.79 24.31 -19.55
CA ASN C 85 9.25 25.64 -19.12
C ASN C 85 9.66 26.54 -20.27
N GLY C 86 8.94 26.45 -21.39
CA GLY C 86 9.19 27.32 -22.54
C GLY C 86 10.02 26.70 -23.64
N ALA C 87 10.43 25.43 -23.47
CA ALA C 87 11.20 24.75 -24.51
C ALA C 87 10.29 24.33 -25.68
N ARG C 88 8.97 24.24 -25.42
CA ARG C 88 8.00 23.85 -26.44
C ARG C 88 6.79 24.79 -26.41
N VAL C 89 6.21 25.04 -27.59
CA VAL C 89 4.93 25.72 -27.71
C VAL C 89 4.06 24.97 -28.70
N HIS C 90 2.84 24.69 -28.33
CA HIS C 90 1.88 24.02 -29.19
C HIS C 90 0.65 24.90 -29.34
N ASP C 91 0.06 24.95 -30.55
CA ASP C 91 -1.17 25.72 -30.76
C ASP C 91 -2.38 24.91 -30.27
N SER C 92 -3.59 25.46 -30.38
CA SER C 92 -4.80 24.77 -29.88
C SER C 92 -5.11 23.47 -30.61
N ASP C 93 -4.48 23.23 -31.77
CA ASP C 93 -4.71 22.01 -32.53
C ASP C 93 -3.68 20.91 -32.23
N GLY C 94 -2.74 21.19 -31.33
CA GLY C 94 -1.71 20.23 -30.96
C GLY C 94 -0.47 20.28 -31.82
N GLN C 95 -0.39 21.25 -32.76
CA GLN C 95 0.77 21.42 -33.63
C GLN C 95 1.90 22.10 -32.87
N GLN C 96 3.11 21.51 -32.90
CA GLN C 96 4.27 22.07 -32.23
C GLN C 96 4.80 23.25 -33.03
N ILE C 97 4.69 24.48 -32.45
CA ILE C 97 5.15 25.68 -33.13
C ILE C 97 6.66 25.76 -33.12
N PHE C 98 7.28 25.52 -31.95
CA PHE C 98 8.73 25.50 -31.85
C PHE C 98 9.22 24.52 -30.80
N ALA C 99 10.49 24.14 -30.92
CA ALA C 99 11.17 23.27 -29.98
C ALA C 99 12.56 23.83 -29.75
N HIS C 100 12.76 24.43 -28.59
CA HIS C 100 14.05 25.03 -28.27
C HIS C 100 14.80 24.15 -27.28
N ASN C 101 15.71 23.34 -27.79
CA ASN C 101 16.38 22.32 -27.02
C ASN C 101 17.72 22.75 -26.47
N LEU C 102 18.26 21.97 -25.51
CA LEU C 102 19.57 22.20 -24.92
C LEU C 102 20.66 21.93 -25.97
N ASP C 103 21.79 22.68 -25.91
CA ASP C 103 22.93 22.40 -26.78
C ASP C 103 23.42 20.97 -26.51
N ARG C 104 23.74 20.24 -27.59
CA ARG C 104 24.08 18.82 -27.53
C ARG C 104 25.17 18.50 -26.50
N ASP C 105 26.25 19.29 -26.47
CA ASP C 105 27.35 19.09 -25.53
C ASP C 105 26.91 19.28 -24.08
N ILE C 106 25.98 20.21 -23.84
CA ILE C 106 25.45 20.44 -22.50
C ILE C 106 24.56 19.29 -22.07
N ALA C 107 23.63 18.87 -22.96
CA ALA C 107 22.73 17.74 -22.69
C ALA C 107 23.55 16.47 -22.38
N ALA C 108 24.61 16.18 -23.17
CA ALA C 108 25.47 15.03 -22.96
C ALA C 108 26.11 15.05 -21.55
N ASP C 109 26.63 16.23 -21.10
CA ASP C 109 27.24 16.34 -19.76
C ASP C 109 26.21 16.23 -18.66
N LEU C 110 25.03 16.87 -18.86
CA LEU C 110 23.91 16.83 -17.91
C LEU C 110 23.44 15.39 -17.65
N PHE C 111 23.44 14.54 -18.71
CA PHE C 111 23.03 13.13 -18.60
C PHE C 111 23.81 12.38 -17.53
N GLU C 112 25.11 12.75 -17.33
CA GLU C 112 26.00 12.00 -16.44
C GLU C 112 26.64 12.86 -15.31
N ILE C 113 26.31 14.18 -15.23
CA ILE C 113 26.92 15.08 -14.22
C ILE C 113 26.85 14.54 -12.77
N VAL C 114 25.68 13.97 -12.36
CA VAL C 114 25.51 13.43 -11.00
C VAL C 114 25.10 11.94 -11.05
N ARG C 115 25.76 11.15 -11.94
CA ARG C 115 25.51 9.71 -12.09
C ARG C 115 25.69 8.98 -10.78
N ASN C 116 26.83 9.19 -10.14
CA ASN C 116 27.21 8.44 -8.96
C ASN C 116 26.70 9.05 -7.65
N ASP C 117 25.81 10.07 -7.74
CA ASP C 117 25.18 10.65 -6.56
C ASP C 117 23.90 9.87 -6.24
N PRO C 118 23.90 9.07 -5.14
CA PRO C 118 22.72 8.23 -4.85
C PRO C 118 21.48 9.01 -4.42
N LYS C 119 21.66 10.27 -3.99
CA LYS C 119 20.55 11.11 -3.51
C LYS C 119 19.78 11.77 -4.66
N ILE C 120 20.41 11.89 -5.84
CA ILE C 120 19.77 12.56 -6.98
C ILE C 120 19.42 11.57 -8.10
N VAL C 121 18.22 11.72 -8.69
CA VAL C 121 17.83 10.98 -9.88
C VAL C 121 17.83 11.96 -11.05
N THR C 122 18.49 11.60 -12.17
CA THR C 122 18.54 12.45 -13.36
C THR C 122 17.40 12.07 -14.31
N ASN C 123 16.56 13.07 -14.66
CA ASN C 123 15.45 12.86 -15.57
C ASN C 123 15.66 13.67 -16.85
N VAL C 124 15.20 13.12 -17.98
CA VAL C 124 15.38 13.74 -19.27
C VAL C 124 14.06 13.70 -20.08
N TYR C 125 13.66 14.85 -20.67
CA TYR C 125 12.60 14.86 -21.66
C TYR C 125 13.22 14.96 -23.04
N ARG C 126 13.20 13.85 -23.77
CA ARG C 126 13.71 13.80 -25.14
C ARG C 126 12.53 13.59 -26.08
N GLU C 127 12.13 14.66 -26.80
CA GLU C 127 10.94 14.66 -27.64
C GLU C 127 9.71 14.18 -26.83
N ASP C 128 9.04 13.10 -27.26
CA ASP C 128 7.85 12.61 -26.55
C ASP C 128 8.18 11.54 -25.50
N GLU C 129 9.46 11.39 -25.16
CA GLU C 129 9.87 10.37 -24.20
C GLU C 129 10.46 10.93 -22.91
N TRP C 130 10.32 10.15 -21.82
CA TRP C 130 10.85 10.47 -20.51
C TRP C 130 11.92 9.45 -20.12
N TYR C 131 13.13 9.92 -19.89
CA TYR C 131 14.22 9.04 -19.50
C TYR C 131 14.66 9.31 -18.08
N ASN C 133 17.85 8.01 -15.16
CA ASN C 133 19.13 7.29 -15.05
C ASN C 133 19.00 6.00 -14.19
N ARG C 134 18.10 6.02 -13.20
CA ARG C 134 17.83 4.86 -12.36
C ARG C 134 16.47 5.02 -11.67
N HIS C 135 15.87 3.91 -11.22
CA HIS C 135 14.59 3.93 -10.51
C HIS C 135 14.65 4.86 -9.30
N ARG C 136 13.59 5.66 -9.07
CA ARG C 136 13.54 6.57 -7.93
C ARG C 136 13.36 5.80 -6.61
N PRO C 137 13.76 6.39 -5.44
CA PRO C 137 13.59 5.65 -4.18
C PRO C 137 12.22 5.86 -3.54
N ALA C 146 -3.82 11.12 -17.94
CA ALA C 146 -3.16 10.51 -19.08
C ALA C 146 -2.15 9.41 -18.64
N VAL C 147 -1.42 8.82 -19.60
CA VAL C 147 -0.39 7.81 -19.31
C VAL C 147 0.97 8.25 -19.90
N PHE C 148 1.94 8.57 -19.04
CA PHE C 148 3.27 9.01 -19.45
C PHE C 148 4.32 8.30 -18.58
N ASN C 149 4.93 7.22 -19.13
CA ASN C 149 5.92 6.41 -18.40
C ASN C 149 7.34 6.74 -18.81
N TYR C 150 8.33 6.22 -18.05
CA TYR C 150 9.75 6.48 -18.28
C TYR C 150 10.49 5.26 -18.80
N LYS C 151 11.68 5.50 -19.38
CA LYS C 151 12.62 4.45 -19.76
C LYS C 151 13.90 4.70 -19.02
N LEU C 152 14.65 3.67 -18.73
CA LEU C 152 15.94 3.84 -18.08
C LEU C 152 17.05 4.01 -19.11
N TYR C 153 18.13 4.68 -18.72
CA TYR C 153 19.28 4.81 -19.60
C TYR C 153 20.60 4.62 -18.84
N GLU C 154 21.52 3.86 -19.44
CA GLU C 154 22.86 3.65 -18.89
C GLU C 154 23.83 4.66 -19.53
N PRO C 155 25.01 4.94 -18.92
CA PRO C 155 25.90 5.97 -19.50
C PRO C 155 26.17 5.78 -20.99
N GLY C 156 25.86 6.81 -21.78
CA GLY C 156 26.13 6.81 -23.21
C GLY C 156 25.05 6.18 -24.08
N GLU C 157 24.04 5.55 -23.47
CA GLU C 157 22.99 4.91 -24.27
C GLU C 157 21.78 5.86 -24.57
N LEU C 158 21.97 7.18 -24.33
CA LEU C 158 20.92 8.16 -24.59
C LEU C 158 21.40 9.25 -25.54
N ASP C 159 20.63 9.50 -26.61
CA ASP C 159 20.99 10.52 -27.60
C ASP C 159 20.86 11.97 -27.03
N PRO C 160 21.89 12.85 -27.20
CA PRO C 160 21.82 14.18 -26.58
C PRO C 160 21.14 15.24 -27.43
N GLN C 161 20.42 14.82 -28.49
CA GLN C 161 19.67 15.74 -29.33
C GLN C 161 18.16 15.64 -29.04
N GLY C 162 17.45 16.77 -29.19
CA GLY C 162 16.02 16.86 -28.95
C GLY C 162 15.65 16.99 -27.49
N ILE C 163 16.58 17.45 -26.66
CA ILE C 163 16.38 17.53 -25.20
C ILE C 163 15.73 18.84 -24.80
N SER C 164 14.42 18.80 -24.46
CA SER C 164 13.70 20.01 -24.03
C SER C 164 14.15 20.44 -22.63
N LYS C 165 14.43 19.45 -21.76
CA LYS C 165 14.96 19.74 -20.43
C LYS C 165 15.52 18.53 -19.74
N VAL C 166 16.45 18.76 -18.82
CA VAL C 166 16.96 17.76 -17.89
C VAL C 166 16.57 18.24 -16.49
N PHE C 167 16.03 17.34 -15.65
CA PHE C 167 15.65 17.72 -14.30
C PHE C 167 16.13 16.75 -13.26
N PHE C 168 16.64 17.27 -12.15
CA PHE C 168 17.23 16.50 -11.09
C PHE C 168 16.28 16.44 -9.92
N THR C 169 15.81 15.23 -9.57
CA THR C 169 14.89 15.05 -8.43
C THR C 169 15.63 14.51 -7.23
N CYS C 170 15.36 15.10 -6.06
CA CYS C 170 16.02 14.75 -4.81
C CYS C 170 15.12 15.21 -3.64
N GLU C 171 14.80 14.30 -2.71
CA GLU C 171 13.94 14.64 -1.53
C GLU C 171 14.60 15.72 -0.65
N ASP C 172 15.95 15.77 -0.64
CA ASP C 172 16.69 16.75 0.15
C ASP C 172 16.92 18.02 -0.68
N HIS C 173 16.10 19.07 -0.45
CA HIS C 173 16.19 20.35 -1.17
C HIS C 173 17.57 20.99 -1.04
N GLU C 174 18.11 20.99 0.21
CA GLU C 174 19.41 21.59 0.51
C GLU C 174 20.54 20.93 -0.30
N HIS C 175 20.38 19.65 -0.66
CA HIS C 175 21.38 18.92 -1.43
C HIS C 175 21.41 19.40 -2.91
N LEU C 176 20.27 19.92 -3.41
CA LEU C 176 20.16 20.42 -4.79
C LEU C 176 20.75 21.83 -4.97
N LEU C 177 20.76 22.64 -3.90
CA LEU C 177 21.27 24.02 -3.94
C LEU C 177 22.73 24.14 -4.48
N PRO C 178 23.71 23.32 -4.01
CA PRO C 178 25.08 23.42 -4.56
C PRO C 178 25.15 22.97 -6.03
N LEU C 179 24.23 22.06 -6.45
CA LEU C 179 24.19 21.61 -7.85
C LEU C 179 23.70 22.74 -8.75
N GLU C 180 22.76 23.56 -8.24
CA GLU C 180 22.25 24.74 -8.96
C GLU C 180 23.39 25.73 -9.20
N GLN C 181 24.19 26.02 -8.16
CA GLN C 181 25.32 26.93 -8.26
C GLN C 181 26.40 26.39 -9.21
N ALA C 182 26.66 25.07 -9.14
CA ALA C 182 27.72 24.43 -9.94
C ALA C 182 27.41 24.45 -11.43
N ASN C 184 25.27 26.74 -12.97
CA ASN C 184 25.26 28.14 -13.42
C ASN C 184 26.69 28.62 -13.66
N ALA C 185 27.64 28.16 -12.83
CA ALA C 185 29.05 28.54 -12.94
C ALA C 185 29.73 27.85 -14.11
N ARG C 186 29.25 26.65 -14.48
CA ARG C 186 29.85 25.82 -15.54
C ARG C 186 29.40 26.23 -16.97
N TRP C 187 28.10 26.56 -17.16
CA TRP C 187 27.57 26.87 -18.49
C TRP C 187 27.11 28.34 -18.73
N GLY C 188 26.88 29.09 -17.65
CA GLY C 188 26.43 30.50 -17.73
C GLY C 188 25.18 30.75 -18.56
N ASP C 189 25.28 31.67 -19.55
CA ASP C 189 24.18 32.04 -20.47
C ASP C 189 23.61 30.85 -21.24
N ARG C 190 24.42 29.78 -21.39
CA ARG C 190 24.05 28.63 -22.24
C ARG C 190 22.97 27.76 -21.62
N VAL C 191 22.66 27.97 -20.31
CA VAL C 191 21.59 27.23 -19.61
C VAL C 191 20.68 28.15 -18.83
N ASN C 192 19.43 27.70 -18.60
CA ASN C 192 18.53 28.30 -17.64
C ASN C 192 18.26 27.28 -16.58
N VAL C 193 18.82 27.49 -15.40
CA VAL C 193 18.64 26.57 -14.27
C VAL C 193 17.52 27.12 -13.34
N SER C 194 16.47 26.34 -13.14
CA SER C 194 15.37 26.76 -12.25
C SER C 194 14.82 25.63 -11.45
N PHE C 195 14.48 25.89 -10.18
CA PHE C 195 13.69 24.95 -9.37
C PHE C 195 12.24 25.08 -9.79
N SER C 196 11.49 23.99 -9.78
CA SER C 196 10.05 24.06 -9.93
C SER C 196 9.46 23.85 -8.51
N THR C 197 9.53 22.61 -7.99
CA THR C 197 9.27 22.33 -6.58
C THR C 197 10.63 22.41 -5.86
N LEU C 198 10.65 22.25 -4.55
CA LEU C 198 11.93 22.27 -3.79
C LEU C 198 12.78 21.03 -4.14
N THR C 199 12.13 19.97 -4.63
CA THR C 199 12.76 18.67 -4.87
C THR C 199 13.06 18.42 -6.34
N CYS C 200 12.84 19.43 -7.20
CA CYS C 200 13.04 19.27 -8.63
C CYS C 200 13.81 20.44 -9.22
N LEU C 201 15.09 20.22 -9.55
CA LEU C 201 15.97 21.25 -10.13
C LEU C 201 16.05 21.05 -11.63
N GLU C 202 15.55 22.01 -12.40
CA GLU C 202 15.41 21.85 -13.85
C GLU C 202 16.41 22.66 -14.65
N VAL C 203 16.83 22.13 -15.81
CA VAL C 203 17.77 22.81 -16.70
C VAL C 203 17.21 22.85 -18.10
N ALA C 205 17.61 25.20 -22.05
CA ALA C 205 18.60 25.96 -22.82
C ALA C 205 18.57 27.42 -22.41
N GLY C 206 19.70 28.10 -22.52
CA GLY C 206 19.78 29.52 -22.24
C GLY C 206 18.86 30.29 -23.17
N GLY C 207 18.09 31.21 -22.61
CA GLY C 207 17.10 31.98 -23.38
C GLY C 207 15.75 31.29 -23.43
N VAL C 208 15.61 30.16 -22.72
CA VAL C 208 14.37 29.41 -22.65
C VAL C 208 13.77 29.56 -21.26
N SER C 209 12.56 30.06 -21.17
CA SER C 209 11.79 30.16 -19.92
C SER C 209 10.34 30.38 -20.28
N LYS C 210 9.44 30.32 -19.29
CA LYS C 210 8.01 30.58 -19.52
C LYS C 210 7.80 32.02 -20.02
N GLY C 211 8.63 32.95 -19.51
CA GLY C 211 8.57 34.36 -19.89
C GLY C 211 9.00 34.62 -21.32
N HIS C 212 10.10 33.98 -21.77
CA HIS C 212 10.57 34.13 -23.14
C HIS C 212 9.61 33.46 -24.12
N ALA C 213 8.98 32.35 -23.69
CA ALA C 213 7.99 31.67 -24.53
C ALA C 213 6.70 32.48 -24.59
N LEU C 214 6.32 33.13 -23.46
CA LEU C 214 5.15 34.01 -23.41
C LEU C 214 5.32 35.17 -24.36
N GLU C 215 6.52 35.78 -24.38
CA GLU C 215 6.82 36.86 -25.31
C GLU C 215 6.63 36.40 -26.77
N ALA C 216 7.13 35.21 -27.11
CA ALA C 216 7.00 34.63 -28.47
C ALA C 216 5.53 34.38 -28.83
N VAL C 217 4.76 33.82 -27.88
CA VAL C 217 3.33 33.54 -28.07
C VAL C 217 2.52 34.84 -28.22
N ALA C 218 2.81 35.85 -27.36
CA ALA C 218 2.14 37.15 -27.44
C ALA C 218 2.31 37.75 -28.82
N LYS C 219 3.53 37.65 -29.39
CA LYS C 219 3.82 38.13 -30.74
C LYS C 219 3.03 37.35 -31.80
N LEU C 221 0.13 36.14 -31.33
CA LEU C 221 -1.24 36.64 -31.16
C LEU C 221 -1.40 38.10 -31.63
N GLY C 222 -0.28 38.73 -32.00
CA GLY C 222 -0.29 40.12 -32.43
C GLY C 222 -0.21 41.11 -31.27
N TYR C 223 0.37 40.68 -30.14
CA TYR C 223 0.51 41.51 -28.95
C TYR C 223 1.97 41.56 -28.46
N THR C 224 2.21 42.24 -27.35
CA THR C 224 3.53 42.31 -26.72
C THR C 224 3.39 41.85 -25.26
N LEU C 225 4.53 41.83 -24.52
CA LEU C 225 4.54 41.48 -23.10
C LEU C 225 3.68 42.45 -22.29
N SER C 226 3.61 43.72 -22.71
CA SER C 226 2.82 44.77 -22.04
C SER C 226 1.33 44.42 -22.04
N ASP C 227 0.89 43.59 -22.99
CA ASP C 227 -0.50 43.17 -23.11
C ASP C 227 -0.80 41.94 -22.27
N CYS C 228 0.21 41.42 -21.55
CA CYS C 228 0.04 40.19 -20.75
C CYS C 228 -0.07 40.46 -19.29
N ILE C 229 -1.00 39.75 -18.64
CA ILE C 229 -1.06 39.60 -17.19
C ILE C 229 -0.73 38.14 -16.88
N ALA C 230 0.23 37.92 -15.97
CA ALA C 230 0.70 36.56 -15.70
C ALA C 230 0.52 36.14 -14.24
N PHE C 231 0.34 34.83 -14.02
CA PHE C 231 0.15 34.24 -12.69
C PHE C 231 1.09 33.04 -12.52
N GLY C 232 1.75 32.96 -11.36
CA GLY C 232 2.70 31.87 -11.08
C GLY C 232 3.01 31.73 -9.60
N ASP C 233 3.66 30.59 -9.23
CA ASP C 233 3.99 30.31 -7.83
C ASP C 233 5.43 29.76 -7.62
N GLY C 234 6.16 29.52 -8.72
CA GLY C 234 7.49 28.91 -8.65
C GLY C 234 8.61 29.73 -9.28
N ASN C 236 10.42 28.82 -11.73
CA ASN C 236 10.28 28.69 -13.17
C ASN C 236 9.21 29.66 -13.76
N ASP C 237 8.58 30.51 -12.88
CA ASP C 237 7.61 31.55 -13.31
C ASP C 237 8.21 32.96 -13.16
N ALA C 238 9.39 33.08 -12.49
CA ALA C 238 10.02 34.37 -12.19
C ALA C 238 10.18 35.28 -13.43
N GLU C 239 10.75 34.75 -14.55
CA GLU C 239 10.92 35.53 -15.78
C GLU C 239 9.56 35.95 -16.34
N LEU C 241 6.64 36.35 -14.75
CA LEU C 241 5.97 37.33 -13.90
C LEU C 241 6.60 38.71 -13.96
N SER C 242 7.93 38.79 -14.15
CA SER C 242 8.60 40.09 -14.22
C SER C 242 8.62 40.67 -15.63
N ALA C 244 6.12 40.12 -17.94
CA ALA C 244 4.73 40.46 -18.29
C ALA C 244 4.41 41.89 -17.88
N GLY C 245 3.46 42.51 -18.57
CA GLY C 245 2.99 43.85 -18.23
C GLY C 245 2.49 43.92 -16.80
N LYS C 246 1.81 42.84 -16.33
CA LYS C 246 1.35 42.69 -14.97
C LYS C 246 1.63 41.25 -14.48
N GLY C 247 2.36 41.13 -13.36
CA GLY C 247 2.67 39.84 -12.76
C GLY C 247 2.08 39.66 -11.38
N CYS C 248 1.39 38.52 -11.15
CA CYS C 248 0.78 38.21 -9.84
C CYS C 248 1.41 36.96 -9.27
N ILE C 249 1.85 37.03 -8.01
CA ILE C 249 2.42 35.89 -7.29
C ILE C 249 1.33 35.27 -6.38
N ALA C 251 -0.40 33.33 -3.21
CA ALA C 251 -0.09 33.33 -1.77
C ALA C 251 0.66 32.06 -1.40
N ASN C 252 0.34 30.95 -2.08
CA ASN C 252 0.95 29.65 -1.83
C ASN C 252 2.33 29.49 -2.51
N ALA C 253 2.82 30.56 -3.16
CA ALA C 253 4.08 30.51 -3.88
C ALA C 253 5.26 30.25 -2.99
N HIS C 254 6.37 29.75 -3.58
CA HIS C 254 7.63 29.59 -2.86
C HIS C 254 8.15 30.97 -2.42
N GLN C 255 8.65 31.04 -1.17
CA GLN C 255 9.14 32.28 -0.57
C GLN C 255 10.28 32.88 -1.38
N ARG C 256 11.14 32.02 -2.00
CA ARG C 256 12.27 32.48 -2.81
C ARG C 256 11.79 33.35 -3.99
N LEU C 257 10.62 33.01 -4.57
CA LEU C 257 10.01 33.81 -5.65
C LEU C 257 9.53 35.15 -5.11
N LYS C 258 8.86 35.13 -3.94
CA LYS C 258 8.39 36.36 -3.30
C LYS C 258 9.56 37.28 -2.95
N ASP C 259 10.69 36.68 -2.45
CA ASP C 259 11.89 37.42 -2.06
C ASP C 259 12.60 38.01 -3.29
N LEU C 260 12.63 37.26 -4.41
CA LEU C 260 13.30 37.72 -5.62
C LEU C 260 12.53 38.89 -6.26
N HIS C 261 11.19 38.87 -6.17
CA HIS C 261 10.37 39.91 -6.76
C HIS C 261 9.40 40.51 -5.76
N PRO C 262 9.88 41.31 -4.78
CA PRO C 262 8.97 41.89 -3.78
C PRO C 262 8.06 42.97 -4.35
N GLU C 263 8.41 43.50 -5.53
CA GLU C 263 7.64 44.55 -6.20
C GLU C 263 6.32 44.03 -6.80
N LEU C 264 6.19 42.68 -6.94
CA LEU C 264 5.01 42.08 -7.56
C LEU C 264 3.90 41.86 -6.59
N GLU C 265 2.65 42.02 -7.05
CA GLU C 265 1.48 41.79 -6.22
C GLU C 265 1.37 40.31 -5.84
N VAL C 266 1.13 40.04 -4.55
CA VAL C 266 0.86 38.69 -4.08
C VAL C 266 -0.64 38.55 -3.90
N ILE C 267 -1.27 37.66 -4.66
CA ILE C 267 -2.72 37.44 -4.57
C ILE C 267 -3.00 36.25 -3.66
N GLY C 268 -4.26 35.84 -3.57
CA GLY C 268 -4.70 34.72 -2.73
C GLY C 268 -4.12 33.36 -3.13
N SER C 269 -4.54 32.32 -2.43
CA SER C 269 -4.08 30.95 -2.66
C SER C 269 -4.89 30.30 -3.77
N ASN C 270 -4.30 29.29 -4.46
CA ASN C 270 -5.06 28.50 -5.45
C ASN C 270 -6.16 27.69 -4.73
N ALA C 271 -6.04 27.53 -3.39
CA ALA C 271 -7.07 26.88 -2.54
C ALA C 271 -8.38 27.69 -2.56
N ASP C 272 -8.29 29.01 -2.81
CA ASP C 272 -9.46 29.89 -2.90
C ASP C 272 -9.92 30.05 -4.36
N ASP C 273 -9.21 29.42 -5.33
CA ASP C 273 -9.45 29.66 -6.77
C ASP C 273 -9.14 31.14 -7.05
N ALA C 274 -8.05 31.65 -6.45
CA ALA C 274 -7.69 33.07 -6.48
C ALA C 274 -7.50 33.63 -7.89
N VAL C 275 -6.93 32.86 -8.81
CA VAL C 275 -6.69 33.32 -10.19
C VAL C 275 -8.02 33.68 -10.92
N PRO C 276 -8.98 32.71 -11.09
CA PRO C 276 -10.23 33.06 -11.79
C PRO C 276 -11.06 34.14 -11.08
N ARG C 277 -11.02 34.18 -9.73
CA ARG C 277 -11.73 35.21 -8.96
C ARG C 277 -11.13 36.59 -9.20
N TYR C 278 -9.79 36.66 -9.27
CA TYR C 278 -9.07 37.89 -9.57
C TYR C 278 -9.41 38.35 -10.97
N LEU C 279 -9.48 37.42 -11.93
CA LEU C 279 -9.79 37.71 -13.32
C LEU C 279 -11.22 38.23 -13.48
N ARG C 280 -12.20 37.61 -12.78
CA ARG C 280 -13.61 38.06 -12.84
C ARG C 280 -13.74 39.47 -12.28
N LYS C 281 -13.00 39.77 -11.21
CA LYS C 281 -13.01 41.09 -10.57
C LYS C 281 -12.38 42.13 -11.52
N LEU C 282 -11.28 41.76 -12.18
CA LEU C 282 -10.54 42.65 -13.08
C LEU C 282 -11.29 42.91 -14.42
N TYR C 283 -11.92 41.86 -15.00
CA TYR C 283 -12.58 41.98 -16.32
C TYR C 283 -14.10 42.12 -16.25
N LEU C 284 -14.79 41.23 -15.51
CA LEU C 284 -16.27 41.19 -15.52
C LEU C 284 -16.91 42.21 -14.60
N ASP C 285 -16.21 42.60 -13.50
CA ASP C 285 -16.76 43.59 -12.56
C ASP C 285 -16.47 45.02 -13.05
N TYR D 21 18.37 -1.98 15.36
CA TYR D 21 17.39 -2.94 14.83
C TYR D 21 15.99 -2.48 15.16
N GLN D 22 15.18 -2.26 14.14
CA GLN D 22 13.82 -1.78 14.35
C GLN D 22 12.87 -2.85 14.82
N VAL D 23 13.22 -4.12 14.61
CA VAL D 23 12.37 -5.24 15.01
C VAL D 23 13.13 -6.13 16.00
N VAL D 24 12.54 -6.36 17.18
CA VAL D 24 13.09 -7.28 18.16
C VAL D 24 12.22 -8.52 18.20
N ALA D 25 12.80 -9.68 17.87
CA ALA D 25 12.07 -10.95 17.90
C ALA D 25 12.55 -11.81 19.05
N SER D 26 11.64 -12.38 19.81
CA SER D 26 12.07 -13.18 20.94
C SER D 26 11.20 -14.38 21.15
N ASP D 27 11.85 -15.53 21.37
CA ASP D 27 11.19 -16.72 21.86
C ASP D 27 10.68 -16.41 23.31
N LEU D 28 9.74 -17.20 23.83
CA LEU D 28 9.20 -16.93 25.16
C LEU D 28 9.80 -17.85 26.22
N ASP D 29 9.40 -19.13 26.22
CA ASP D 29 9.88 -20.09 27.22
C ASP D 29 11.38 -20.32 27.08
N GLY D 30 12.11 -20.10 28.16
CA GLY D 30 13.56 -20.28 28.21
C GLY D 30 14.33 -19.11 27.61
N THR D 31 13.62 -18.09 27.14
CA THR D 31 14.26 -16.93 26.51
C THR D 31 13.84 -15.60 27.22
N LEU D 32 12.68 -15.02 26.84
CA LEU D 32 12.20 -13.81 27.48
C LEU D 32 11.56 -14.13 28.85
N LEU D 33 10.84 -15.26 28.93
CA LEU D 33 10.20 -15.67 30.19
C LEU D 33 11.26 -16.15 31.19
N SER D 34 11.01 -15.92 32.49
CA SER D 34 11.90 -16.37 33.55
C SER D 34 11.91 -17.93 33.62
N PRO D 35 12.86 -18.54 34.40
CA PRO D 35 12.81 -20.00 34.57
C PRO D 35 11.46 -20.50 35.15
N ASP D 36 10.69 -19.58 35.81
CA ASP D 36 9.36 -19.90 36.33
C ASP D 36 8.21 -19.50 35.37
N HIS D 37 8.54 -19.28 34.10
CA HIS D 37 7.58 -19.00 33.02
C HIS D 37 6.81 -17.68 33.17
N PHE D 38 7.43 -16.68 33.81
CA PHE D 38 6.80 -15.38 34.00
C PHE D 38 7.51 -14.28 33.26
N LEU D 39 6.78 -13.23 32.93
CA LEU D 39 7.34 -12.01 32.38
C LEU D 39 7.59 -11.07 33.57
N THR D 40 8.86 -10.83 33.90
CA THR D 40 9.21 -9.99 35.06
C THR D 40 8.81 -8.54 34.82
N PRO D 41 8.53 -7.77 35.91
CA PRO D 41 8.28 -6.33 35.72
C PRO D 41 9.43 -5.60 35.01
N TYR D 42 10.70 -6.08 35.21
CA TYR D 42 11.87 -5.51 34.54
C TYR D 42 11.77 -5.71 33.03
N ALA D 43 11.40 -6.93 32.59
CA ALA D 43 11.19 -7.23 31.17
C ALA D 43 10.02 -6.41 30.61
N LYS D 44 8.86 -6.34 31.36
CA LYS D 44 7.68 -5.53 30.95
CA LYS D 44 7.70 -5.56 30.91
C LYS D 44 8.08 -4.09 30.72
N GLU D 45 8.88 -3.53 31.64
CA GLU D 45 9.34 -2.14 31.56
C GLU D 45 10.26 -1.92 30.37
N THR D 46 11.10 -2.94 30.05
CA THR D 46 12.00 -2.87 28.88
C THR D 46 11.18 -2.81 27.58
N LEU D 47 10.06 -3.59 27.53
CA LEU D 47 9.14 -3.60 26.37
C LEU D 47 8.51 -2.24 26.18
N LYS D 48 8.17 -1.55 27.29
CA LYS D 48 7.59 -0.21 27.28
C LYS D 48 8.61 0.84 26.84
N LEU D 49 9.85 0.77 27.39
CA LEU D 49 10.90 1.74 27.07
C LEU D 49 11.31 1.70 25.60
N LEU D 50 11.40 0.50 25.03
CA LEU D 50 11.78 0.36 23.61
C LEU D 50 10.63 0.67 22.68
N THR D 51 9.37 0.35 23.11
CA THR D 51 8.16 0.71 22.36
C THR D 51 8.01 2.23 22.26
N ALA D 52 8.33 2.94 23.35
CA ALA D 52 8.28 4.42 23.38
C ALA D 52 9.30 5.02 22.41
N ARG D 53 10.33 4.25 22.05
CA ARG D 53 11.39 4.71 21.14
C ARG D 53 11.21 4.18 19.70
N GLY D 54 10.01 3.65 19.41
CA GLY D 54 9.64 3.21 18.07
C GLY D 54 10.03 1.79 17.71
N ILE D 55 10.55 1.03 18.65
CA ILE D 55 10.95 -0.36 18.38
C ILE D 55 9.73 -1.30 18.32
N ASN D 56 9.74 -2.24 17.34
CA ASN D 56 8.67 -3.23 17.14
C ASN D 56 9.06 -4.55 17.77
N PHE D 57 8.10 -5.23 18.37
CA PHE D 57 8.34 -6.52 19.01
C PHE D 57 7.56 -7.62 18.38
N VAL D 58 8.20 -8.76 18.18
CA VAL D 58 7.56 -9.95 17.64
C VAL D 58 7.89 -11.12 18.57
N PHE D 59 6.86 -11.76 19.13
CA PHE D 59 7.08 -12.90 20.02
C PHE D 59 6.78 -14.21 19.31
N ALA D 60 7.71 -15.17 19.39
CA ALA D 60 7.63 -16.43 18.64
C ALA D 60 7.72 -17.62 19.54
N THR D 61 6.67 -18.44 19.54
CA THR D 61 6.62 -19.59 20.42
C THR D 61 6.13 -20.85 19.71
N GLY D 62 6.42 -22.00 20.30
CA GLY D 62 5.88 -23.26 19.86
C GLY D 62 4.49 -23.49 20.43
N ARG D 63 4.13 -22.72 21.47
CA ARG D 63 2.82 -22.84 22.11
C ARG D 63 1.69 -22.53 21.15
N HIS D 64 0.49 -23.02 21.47
CA HIS D 64 -0.72 -22.66 20.74
C HIS D 64 -1.14 -21.22 21.20
N TYR D 65 -1.81 -20.48 20.34
CA TYR D 65 -2.25 -19.12 20.63
C TYR D 65 -3.06 -19.00 21.93
N ILE D 66 -4.00 -19.93 22.16
CA ILE D 66 -4.83 -19.95 23.37
C ILE D 66 -3.95 -20.03 24.60
N ASP D 67 -2.87 -20.81 24.50
CA ASP D 67 -1.94 -21.10 25.57
C ASP D 67 -1.02 -19.91 25.94
N VAL D 68 -0.84 -18.91 25.01
CA VAL D 68 -0.06 -17.69 25.33
C VAL D 68 -0.96 -16.53 25.82
N GLY D 69 -2.24 -16.83 26.03
CA GLY D 69 -3.23 -15.85 26.44
C GLY D 69 -2.84 -14.97 27.60
N GLN D 70 -2.42 -15.59 28.72
CA GLN D 70 -2.05 -14.83 29.93
C GLN D 70 -0.78 -13.99 29.69
N ILE D 71 0.18 -14.53 28.92
CA ILE D 71 1.41 -13.84 28.56
C ILE D 71 1.10 -12.60 27.70
N ARG D 72 0.31 -12.76 26.63
CA ARG D 72 -0.09 -11.67 25.73
CA ARG D 72 -0.02 -11.61 25.79
C ARG D 72 -0.85 -10.55 26.50
N ASP D 73 -1.71 -10.95 27.47
CA ASP D 73 -2.49 -10.00 28.28
C ASP D 73 -1.58 -9.21 29.25
N ASN D 74 -0.34 -9.69 29.49
CA ASN D 74 0.60 -9.05 30.40
C ASN D 74 1.79 -8.38 29.71
N LEU D 75 1.87 -8.45 28.37
CA LEU D 75 2.96 -7.82 27.62
C LEU D 75 3.01 -6.30 27.81
N GLY D 76 1.82 -5.66 27.85
CA GLY D 76 1.71 -4.22 28.04
C GLY D 76 1.90 -3.41 26.76
N ILE D 77 2.27 -4.12 25.66
CA ILE D 77 2.51 -3.49 24.35
C ILE D 77 1.77 -4.24 23.25
N ARG D 78 1.53 -3.59 22.13
CA ARG D 78 0.93 -4.23 20.96
C ARG D 78 2.02 -4.87 20.14
N SER D 79 1.88 -6.17 19.84
CA SER D 79 2.90 -6.88 19.08
C SER D 79 2.29 -7.99 18.25
N TYR D 80 3.01 -8.43 17.20
CA TYR D 80 2.63 -9.61 16.42
C TYR D 80 2.99 -10.87 17.23
N ILE D 82 3.70 -14.94 16.92
CA ILE D 82 3.98 -16.15 16.15
C ILE D 82 3.77 -17.34 17.07
N THR D 83 2.81 -18.23 16.72
CA THR D 83 2.55 -19.43 17.53
C THR D 83 2.69 -20.70 16.70
N SER D 84 2.62 -21.89 17.36
CA SER D 84 2.80 -23.20 16.69
C SER D 84 4.05 -23.22 15.77
N ASN D 85 5.16 -22.57 16.24
CA ASN D 85 6.44 -22.52 15.54
C ASN D 85 6.35 -21.93 14.15
N GLY D 86 5.49 -20.94 13.98
CA GLY D 86 5.38 -20.25 12.71
C GLY D 86 4.19 -20.64 11.87
N ALA D 87 3.45 -21.67 12.30
CA ALA D 87 2.28 -22.12 11.54
C ALA D 87 1.14 -21.08 11.63
N ARG D 88 1.18 -20.22 12.67
CA ARG D 88 0.16 -19.18 12.87
C ARG D 88 0.80 -17.83 13.16
N VAL D 89 0.18 -16.76 12.70
CA VAL D 89 0.53 -15.39 13.08
C VAL D 89 -0.74 -14.63 13.40
N HIS D 90 -0.78 -13.98 14.54
CA HIS D 90 -1.91 -13.12 14.93
C HIS D 90 -1.40 -11.69 15.13
N ASP D 91 -2.23 -10.69 14.80
CA ASP D 91 -1.87 -9.31 15.08
C ASP D 91 -2.20 -8.96 16.55
N SER D 92 -1.92 -7.73 16.99
CA SER D 92 -2.16 -7.33 18.38
C SER D 92 -3.66 -7.31 18.77
N ASP D 93 -4.55 -7.39 17.80
CA ASP D 93 -5.99 -7.40 18.07
C ASP D 93 -6.56 -8.83 18.13
N GLY D 94 -5.71 -9.83 17.94
CA GLY D 94 -6.11 -11.23 18.01
C GLY D 94 -6.60 -11.79 16.70
N GLN D 95 -6.46 -11.03 15.60
CA GLN D 95 -6.85 -11.49 14.27
C GLN D 95 -5.79 -12.39 13.69
N GLN D 96 -6.19 -13.59 13.21
CA GLN D 96 -5.26 -14.55 12.63
C GLN D 96 -4.90 -14.09 11.23
N ILE D 97 -3.61 -13.70 11.02
CA ILE D 97 -3.17 -13.23 9.70
C ILE D 97 -3.03 -14.38 8.74
N PHE D 98 -2.38 -15.47 9.18
CA PHE D 98 -2.27 -16.66 8.35
C PHE D 98 -2.25 -17.95 9.17
N ALA D 99 -2.59 -19.06 8.52
CA ALA D 99 -2.54 -20.38 9.10
C ALA D 99 -1.91 -21.31 8.08
N HIS D 100 -0.66 -21.69 8.31
CA HIS D 100 0.05 -22.55 7.38
C HIS D 100 0.13 -23.96 7.93
N ASN D 101 -0.78 -24.82 7.46
CA ASN D 101 -0.97 -26.14 8.01
C ASN D 101 -0.19 -27.22 7.29
N LEU D 102 -0.09 -28.41 7.93
CA LEU D 102 0.53 -29.58 7.33
C LEU D 102 -0.32 -30.11 6.19
N ASP D 103 0.30 -30.66 5.12
CA ASP D 103 -0.48 -31.30 4.05
C ASP D 103 -1.33 -32.44 4.64
N ARG D 104 -2.54 -32.62 4.12
CA ARG D 104 -3.51 -33.59 4.64
C ARG D 104 -2.93 -35.01 4.74
N ASP D 105 -2.26 -35.49 3.70
CA ASP D 105 -1.69 -36.85 3.70
C ASP D 105 -0.59 -37.00 4.77
N ILE D 106 0.23 -35.95 5.00
CA ILE D 106 1.28 -35.98 6.03
C ILE D 106 0.65 -36.00 7.43
N ALA D 107 -0.35 -35.11 7.66
CA ALA D 107 -1.05 -35.05 8.95
C ALA D 107 -1.71 -36.39 9.29
N ALA D 108 -2.38 -37.00 8.29
CA ALA D 108 -3.04 -38.30 8.47
C ALA D 108 -2.05 -39.40 8.89
N ASP D 109 -0.83 -39.41 8.30
CA ASP D 109 0.18 -40.43 8.66
C ASP D 109 0.78 -40.14 10.02
N LEU D 110 1.06 -38.83 10.34
CA LEU D 110 1.62 -38.41 11.62
C LEU D 110 0.70 -38.78 12.77
N PHE D 111 -0.64 -38.74 12.54
CA PHE D 111 -1.64 -39.12 13.54
C PHE D 111 -1.42 -40.53 14.06
N GLU D 112 -0.92 -41.45 13.19
CA GLU D 112 -0.83 -42.89 13.53
C GLU D 112 0.58 -43.48 13.41
N ILE D 113 1.58 -42.70 12.95
CA ILE D 113 2.94 -43.22 12.74
C ILE D 113 3.51 -44.02 13.96
N VAL D 114 3.27 -43.54 15.20
CA VAL D 114 3.75 -44.20 16.41
C VAL D 114 2.59 -44.51 17.39
N ARG D 115 1.42 -44.82 16.83
CA ARG D 115 0.23 -45.18 17.63
C ARG D 115 0.55 -46.24 18.66
N ASN D 116 1.21 -47.34 18.23
CA ASN D 116 1.45 -48.47 19.09
C ASN D 116 2.84 -48.46 19.73
N ASP D 117 3.53 -47.29 19.72
CA ASP D 117 4.79 -47.14 20.45
C ASP D 117 4.48 -46.72 21.88
N PRO D 118 4.67 -47.62 22.87
CA PRO D 118 4.26 -47.28 24.25
C PRO D 118 5.08 -46.16 24.90
N LYS D 119 6.26 -45.85 24.33
CA LYS D 119 7.14 -44.82 24.89
C LYS D 119 6.78 -43.43 24.39
N ILE D 120 6.04 -43.33 23.28
CA ILE D 120 5.69 -42.03 22.69
C ILE D 120 4.18 -41.71 22.79
N VAL D 121 3.84 -40.46 23.14
CA VAL D 121 2.46 -39.94 23.04
C VAL D 121 2.40 -38.99 21.83
N THR D 122 1.38 -39.16 20.97
CA THR D 122 1.21 -38.29 19.81
C THR D 122 0.23 -37.14 20.13
N ASN D 123 0.68 -35.89 19.94
CA ASN D 123 -0.13 -34.70 20.20
C ASN D 123 -0.40 -33.94 18.91
N VAL D 124 -1.58 -33.34 18.80
CA VAL D 124 -2.00 -32.63 17.60
C VAL D 124 -2.65 -31.27 17.95
N TYR D 125 -2.24 -30.19 17.27
CA TYR D 125 -2.95 -28.92 17.35
C TYR D 125 -3.78 -28.75 16.09
N ARG D 126 -5.10 -28.98 16.19
CA ARG D 126 -6.01 -28.78 15.08
C ARG D 126 -6.83 -27.55 15.36
N GLU D 127 -6.60 -26.48 14.59
CA GLU D 127 -7.26 -25.19 14.81
C GLU D 127 -7.11 -24.76 16.28
N ASP D 128 -8.24 -24.59 17.00
CA ASP D 128 -8.23 -24.16 18.40
C ASP D 128 -8.27 -25.34 19.38
N GLU D 129 -8.05 -26.56 18.88
CA GLU D 129 -8.12 -27.75 19.74
C GLU D 129 -6.80 -28.49 19.88
N TRP D 130 -6.61 -29.16 21.02
CA TRP D 130 -5.45 -29.98 21.31
C TRP D 130 -5.91 -31.44 21.43
N TYR D 131 -5.33 -32.31 20.58
CA TYR D 131 -5.66 -33.73 20.59
C TYR D 131 -4.48 -34.56 21.01
N ASN D 133 -3.32 -38.95 21.43
CA ASN D 133 -3.75 -40.31 21.07
C ASN D 133 -4.11 -41.17 22.29
N ARG D 134 -3.44 -40.90 23.43
CA ARG D 134 -3.65 -41.61 24.69
CA ARG D 134 -3.70 -41.59 24.69
C ARG D 134 -3.20 -40.74 25.86
N HIS D 135 -3.76 -40.97 27.08
CA HIS D 135 -3.32 -40.23 28.28
C HIS D 135 -1.81 -40.39 28.49
N ARG D 136 -1.11 -39.30 28.86
CA ARG D 136 0.33 -39.35 29.10
C ARG D 136 0.66 -40.12 30.40
N PRO D 137 1.89 -40.67 30.54
CA PRO D 137 2.23 -41.40 31.79
C PRO D 137 2.77 -40.47 32.87
N VAL D 147 -9.00 -23.66 30.74
CA VAL D 147 -7.90 -23.01 30.02
C VAL D 147 -7.58 -23.72 28.66
N PHE D 148 -6.55 -24.61 28.63
CA PHE D 148 -6.18 -25.33 27.41
C PHE D 148 -6.12 -26.82 27.67
N ASN D 149 -7.26 -27.50 27.51
CA ASN D 149 -7.36 -28.94 27.73
C ASN D 149 -7.17 -29.73 26.42
N TYR D 150 -7.03 -31.06 26.53
CA TYR D 150 -6.90 -31.93 25.37
C TYR D 150 -8.11 -32.84 25.22
N LYS D 151 -8.28 -33.39 24.02
CA LYS D 151 -9.28 -34.42 23.74
C LYS D 151 -8.53 -35.64 23.26
N LEU D 152 -9.06 -36.82 23.49
CA LEU D 152 -8.45 -38.04 22.97
C LEU D 152 -8.97 -38.36 21.60
N TYR D 153 -8.17 -39.05 20.77
CA TYR D 153 -8.63 -39.48 19.45
C TYR D 153 -8.24 -40.92 19.15
N GLU D 154 -9.17 -41.69 18.57
CA GLU D 154 -8.92 -43.07 18.17
C GLU D 154 -8.54 -43.11 16.69
N PRO D 155 -7.85 -44.19 16.22
CA PRO D 155 -7.39 -44.20 14.81
C PRO D 155 -8.47 -43.82 13.81
N GLY D 156 -8.20 -42.78 13.02
CA GLY D 156 -9.08 -42.35 11.94
C GLY D 156 -10.23 -41.44 12.35
N GLU D 157 -10.41 -41.20 13.65
CA GLU D 157 -11.52 -40.34 14.09
C GLU D 157 -11.12 -38.85 14.12
N LEU D 158 -9.88 -38.51 13.68
CA LEU D 158 -9.40 -37.14 13.69
C LEU D 158 -9.23 -36.59 12.29
N ASP D 159 -9.84 -35.44 12.03
CA ASP D 159 -9.76 -34.82 10.71
C ASP D 159 -8.36 -34.26 10.44
N PRO D 160 -7.72 -34.69 9.32
CA PRO D 160 -6.34 -34.24 9.05
C PRO D 160 -6.22 -32.84 8.42
N GLN D 161 -7.28 -32.01 8.52
CA GLN D 161 -7.22 -30.65 8.03
C GLN D 161 -7.18 -29.64 9.16
N GLY D 162 -6.48 -28.53 8.93
CA GLY D 162 -6.31 -27.47 9.94
C GLY D 162 -5.24 -27.78 10.98
N ILE D 163 -4.28 -28.66 10.62
CA ILE D 163 -3.23 -29.12 11.56
C ILE D 163 -2.03 -28.18 11.54
N SER D 164 -1.88 -27.35 12.57
CA SER D 164 -0.73 -26.42 12.66
C SER D 164 0.55 -27.18 12.99
N LYS D 165 0.44 -28.24 13.80
CA LYS D 165 1.57 -29.08 14.13
C LYS D 165 1.18 -30.38 14.80
N VAL D 166 2.04 -31.39 14.68
CA VAL D 166 1.95 -32.64 15.40
C VAL D 166 3.23 -32.74 16.23
N PHE D 167 3.11 -33.12 17.50
CA PHE D 167 4.30 -33.25 18.35
C PHE D 167 4.32 -34.53 19.15
N PHE D 168 5.48 -35.16 19.20
CA PHE D 168 5.65 -36.43 19.86
C PHE D 168 6.38 -36.26 21.16
N THR D 169 5.72 -36.60 22.28
CA THR D 169 6.33 -36.48 23.62
C THR D 169 6.79 -37.83 24.12
N CYS D 170 8.04 -37.88 24.62
CA CYS D 170 8.68 -39.10 25.10
C CYS D 170 9.77 -38.72 26.09
N GLU D 171 9.75 -39.32 27.32
CA GLU D 171 10.76 -39.02 28.35
C GLU D 171 12.18 -39.39 27.89
N ASP D 172 12.29 -40.41 27.04
CA ASP D 172 13.57 -40.87 26.52
C ASP D 172 13.92 -40.10 25.24
N HIS D 173 14.80 -39.08 25.36
CA HIS D 173 15.24 -38.24 24.24
C HIS D 173 15.86 -39.07 23.12
N GLU D 174 16.74 -40.01 23.48
CA GLU D 174 17.45 -40.88 22.53
C GLU D 174 16.46 -41.70 21.67
N HIS D 175 15.28 -42.02 22.22
CA HIS D 175 14.26 -42.77 21.50
C HIS D 175 13.60 -41.92 20.39
N LEU D 176 13.57 -40.57 20.55
CA LEU D 176 12.98 -39.66 19.56
C LEU D 176 13.92 -39.39 18.38
N LEU D 177 15.24 -39.49 18.59
CA LEU D 177 16.26 -39.24 17.55
C LEU D 177 16.04 -40.06 16.23
N PRO D 178 15.80 -41.40 16.31
CA PRO D 178 15.57 -42.16 15.06
C PRO D 178 14.27 -41.77 14.35
N LEU D 179 13.25 -41.32 15.11
CA LEU D 179 11.99 -40.85 14.53
C LEU D 179 12.22 -39.54 13.76
N GLU D 180 13.08 -38.66 14.30
CA GLU D 180 13.44 -37.41 13.63
C GLU D 180 14.10 -37.70 12.27
N GLN D 181 15.08 -38.63 12.25
CA GLN D 181 15.80 -38.98 11.05
C GLN D 181 14.90 -39.62 10.00
N ALA D 182 14.01 -40.55 10.43
CA ALA D 182 13.13 -41.29 9.50
C ALA D 182 12.16 -40.37 8.80
N ASN D 184 12.46 -36.98 8.41
CA ASN D 184 13.19 -36.08 7.50
C ASN D 184 13.46 -36.78 6.18
N ALA D 185 13.93 -38.04 6.22
CA ALA D 185 14.20 -38.84 5.00
C ALA D 185 12.89 -39.17 4.25
N ARG D 186 11.79 -39.36 4.99
CA ARG D 186 10.49 -39.69 4.44
C ARG D 186 9.87 -38.54 3.63
N TRP D 187 9.85 -37.32 4.19
CA TRP D 187 9.16 -36.20 3.56
C TRP D 187 10.01 -35.09 3.04
N GLY D 188 11.25 -35.00 3.52
CA GLY D 188 12.18 -33.95 3.11
C GLY D 188 11.58 -32.56 3.25
N ASP D 189 11.52 -31.82 2.11
CA ASP D 189 11.00 -30.44 1.99
C ASP D 189 9.60 -30.25 2.54
N ARG D 190 8.76 -31.30 2.51
CA ARG D 190 7.33 -31.19 2.85
C ARG D 190 7.08 -31.04 4.36
N VAL D 191 8.14 -31.28 5.20
CA VAL D 191 8.03 -31.14 6.68
C VAL D 191 9.16 -30.29 7.26
N ASN D 192 8.88 -29.65 8.36
CA ASN D 192 9.90 -29.08 9.20
C ASN D 192 9.86 -29.82 10.50
N VAL D 193 10.85 -30.69 10.74
CA VAL D 193 10.93 -31.46 11.97
C VAL D 193 11.89 -30.75 12.94
N SER D 194 11.40 -30.39 14.14
CA SER D 194 12.25 -29.73 15.15
C SER D 194 11.95 -30.20 16.54
N PHE D 195 12.99 -30.38 17.37
CA PHE D 195 12.81 -30.58 18.80
C PHE D 195 12.56 -29.21 19.43
N SER D 196 11.74 -29.16 20.47
CA SER D 196 11.62 -27.95 21.29
C SER D 196 12.39 -28.22 22.59
N THR D 197 11.85 -29.08 23.46
CA THR D 197 12.59 -29.63 24.58
C THR D 197 13.21 -30.94 24.10
N LEU D 198 14.01 -31.62 24.93
CA LEU D 198 14.61 -32.92 24.53
C LEU D 198 13.53 -34.00 24.38
N THR D 199 12.38 -33.79 25.05
CA THR D 199 11.31 -34.76 25.14
C THR D 199 10.14 -34.45 24.23
N CYS D 200 10.28 -33.44 23.37
CA CYS D 200 9.19 -33.04 22.50
C CYS D 200 9.66 -32.82 21.06
N LEU D 201 9.34 -33.76 20.17
CA LEU D 201 9.73 -33.71 18.76
C LEU D 201 8.57 -33.21 17.93
N GLU D 202 8.71 -32.02 17.32
CA GLU D 202 7.60 -31.35 16.65
C GLU D 202 7.70 -31.39 15.14
N VAL D 203 6.54 -31.47 14.46
CA VAL D 203 6.48 -31.47 13.01
C VAL D 203 5.53 -30.42 12.51
N ALA D 205 4.58 -27.93 8.73
CA ALA D 205 4.68 -27.99 7.27
C ALA D 205 6.03 -27.47 6.81
N GLY D 206 6.50 -27.99 5.68
CA GLY D 206 7.73 -27.50 5.08
C GLY D 206 7.62 -26.02 4.73
N GLY D 207 8.64 -25.25 5.09
CA GLY D 207 8.64 -23.80 4.90
C GLY D 207 8.05 -23.06 6.08
N VAL D 208 7.66 -23.80 7.12
CA VAL D 208 7.09 -23.21 8.31
C VAL D 208 8.09 -23.30 9.45
N SER D 209 8.49 -22.15 10.01
CA SER D 209 9.36 -22.05 11.19
C SER D 209 9.20 -20.67 11.80
N LYS D 210 9.78 -20.45 12.98
CA LYS D 210 9.74 -19.12 13.61
C LYS D 210 10.44 -18.08 12.74
N GLY D 211 11.52 -18.52 12.07
CA GLY D 211 12.30 -17.67 11.17
C GLY D 211 11.56 -17.25 9.91
N HIS D 212 10.84 -18.19 9.28
CA HIS D 212 10.06 -17.87 8.08
C HIS D 212 8.88 -17.01 8.44
N ALA D 213 8.28 -17.23 9.63
CA ALA D 213 7.18 -16.41 10.09
C ALA D 213 7.66 -14.99 10.47
N LEU D 214 8.89 -14.90 11.07
CA LEU D 214 9.50 -13.62 11.39
C LEU D 214 9.75 -12.81 10.13
N GLU D 215 10.25 -13.45 9.06
CA GLU D 215 10.46 -12.78 7.77
C GLU D 215 9.13 -12.20 7.25
N ALA D 216 8.03 -13.00 7.31
CA ALA D 216 6.70 -12.56 6.87
C ALA D 216 6.19 -11.37 7.72
N VAL D 217 6.37 -11.45 9.04
CA VAL D 217 5.95 -10.40 9.97
C VAL D 217 6.77 -9.11 9.76
N ALA D 218 8.11 -9.24 9.60
CA ALA D 218 8.99 -8.10 9.33
C ALA D 218 8.51 -7.34 8.10
N LYS D 219 8.11 -8.08 7.04
CA LYS D 219 7.59 -7.48 5.82
C LYS D 219 6.25 -6.77 6.07
N LEU D 221 5.50 -5.29 8.78
CA LEU D 221 5.90 -4.06 9.51
C LEU D 221 6.65 -3.07 8.62
N GLY D 222 6.94 -3.49 7.38
CA GLY D 222 7.67 -2.66 6.43
C GLY D 222 9.18 -2.77 6.57
N TYR D 223 9.65 -3.91 7.10
CA TYR D 223 11.08 -4.17 7.31
C TYR D 223 11.52 -5.49 6.67
N THR D 224 12.80 -5.84 6.81
CA THR D 224 13.34 -7.11 6.32
C THR D 224 13.99 -7.85 7.49
N LEU D 225 14.53 -9.05 7.23
CA LEU D 225 15.23 -9.84 8.24
C LEU D 225 16.45 -9.08 8.80
N SER D 226 17.09 -8.25 7.95
CA SER D 226 18.27 -7.46 8.33
C SER D 226 17.96 -6.45 9.43
N ASP D 227 16.66 -6.08 9.57
CA ASP D 227 16.20 -5.13 10.58
C ASP D 227 15.83 -5.85 11.88
N CYS D 228 15.99 -7.21 11.92
CA CYS D 228 15.59 -8.04 13.06
C CYS D 228 16.76 -8.49 13.92
N ILE D 229 16.61 -8.35 15.25
CA ILE D 229 17.47 -8.99 16.23
C ILE D 229 16.62 -10.05 16.94
N ALA D 230 17.11 -11.30 17.00
CA ALA D 230 16.32 -12.40 17.54
C ALA D 230 16.98 -13.10 18.71
N PHE D 231 16.16 -13.66 19.62
CA PHE D 231 16.63 -14.37 20.81
C PHE D 231 15.90 -15.72 20.92
N GLY D 232 16.64 -16.79 21.24
CA GLY D 232 16.08 -18.14 21.37
C GLY D 232 16.99 -19.10 22.10
N ASP D 233 16.45 -20.28 22.46
CA ASP D 233 17.20 -21.27 23.24
C ASP D 233 17.01 -22.73 22.74
N GLY D 234 16.14 -22.93 21.74
CA GLY D 234 15.83 -24.27 21.25
C GLY D 234 16.04 -24.47 19.76
N ASN D 236 13.83 -25.21 17.62
CA ASN D 236 12.74 -24.53 16.92
C ASN D 236 13.00 -22.99 16.77
N ASP D 237 14.18 -22.50 17.26
CA ASP D 237 14.62 -21.10 17.10
C ASP D 237 15.78 -20.98 16.10
N ALA D 238 16.38 -22.12 15.70
CA ALA D 238 17.56 -22.17 14.82
C ALA D 238 17.40 -21.33 13.54
N GLU D 239 16.28 -21.52 12.79
CA GLU D 239 16.05 -20.75 11.55
C GLU D 239 15.91 -19.25 11.87
N LEU D 241 17.11 -17.52 14.45
CA LEU D 241 18.37 -16.94 14.91
C LEU D 241 19.38 -16.75 13.79
N SER D 242 19.38 -17.66 12.80
CA SER D 242 20.33 -17.56 11.68
C SER D 242 19.80 -16.68 10.53
N ALA D 244 17.73 -13.97 11.02
CA ALA D 244 17.68 -12.59 11.52
C ALA D 244 18.99 -11.88 11.25
N GLY D 245 18.95 -10.55 11.12
CA GLY D 245 20.14 -9.72 10.96
C GLY D 245 21.13 -9.95 12.10
N LYS D 246 20.61 -10.13 13.33
CA LYS D 246 21.40 -10.46 14.52
C LYS D 246 20.67 -11.54 15.35
N GLY D 247 21.35 -12.66 15.61
CA GLY D 247 20.80 -13.75 16.40
C GLY D 247 21.58 -13.98 17.70
N CYS D 248 20.86 -14.05 18.84
CA CYS D 248 21.48 -14.30 20.17
C CYS D 248 20.98 -15.62 20.75
N ILE D 249 21.90 -16.48 21.17
CA ILE D 249 21.58 -17.76 21.81
C ILE D 249 21.68 -17.61 23.34
N ALA D 251 22.31 -18.55 27.27
CA ALA D 251 23.29 -19.42 27.94
C ALA D 251 22.63 -20.76 28.33
N ASN D 252 21.33 -20.72 28.67
CA ASN D 252 20.56 -21.90 29.06
C ASN D 252 20.06 -22.72 27.85
N ALA D 253 20.45 -22.32 26.64
CA ALA D 253 20.02 -23.00 25.41
C ALA D 253 20.51 -24.43 25.32
N HIS D 254 19.82 -25.24 24.52
CA HIS D 254 20.26 -26.60 24.25
C HIS D 254 21.59 -26.57 23.51
N GLN D 255 22.52 -27.50 23.88
CA GLN D 255 23.86 -27.57 23.31
C GLN D 255 23.83 -27.82 21.80
N ARG D 256 22.82 -28.58 21.32
CA ARG D 256 22.67 -28.88 19.89
C ARG D 256 22.49 -27.60 19.08
N LEU D 257 21.77 -26.61 19.63
CA LEU D 257 21.58 -25.30 18.98
C LEU D 257 22.92 -24.54 18.95
N LYS D 258 23.67 -24.55 20.07
CA LYS D 258 24.97 -23.88 20.14
C LYS D 258 25.96 -24.52 19.15
N ASP D 259 25.92 -25.88 19.02
CA ASP D 259 26.78 -26.64 18.11
C ASP D 259 26.43 -26.39 16.65
N LEU D 260 25.13 -26.27 16.33
CA LEU D 260 24.67 -26.02 14.96
C LEU D 260 25.05 -24.62 14.51
N HIS D 261 25.02 -23.65 15.41
CA HIS D 261 25.32 -22.26 15.06
C HIS D 261 26.39 -21.67 15.96
N PRO D 262 27.67 -22.10 15.82
CA PRO D 262 28.73 -21.57 16.70
C PRO D 262 29.07 -20.11 16.41
N GLU D 263 28.66 -19.61 15.22
CA GLU D 263 28.93 -18.23 14.78
C GLU D 263 28.05 -17.20 15.52
N LEU D 264 26.99 -17.67 16.19
CA LEU D 264 26.05 -16.78 16.89
C LEU D 264 26.49 -16.46 18.28
N GLU D 265 26.24 -15.23 18.72
CA GLU D 265 26.58 -14.79 20.08
C GLU D 265 25.74 -15.54 21.11
N VAL D 266 26.39 -16.06 22.15
CA VAL D 266 25.71 -16.68 23.27
C VAL D 266 25.66 -15.65 24.41
N ILE D 267 24.44 -15.24 24.80
CA ILE D 267 24.27 -14.28 25.90
C ILE D 267 23.98 -15.02 27.21
N GLY D 268 23.65 -14.26 28.26
CA GLY D 268 23.36 -14.81 29.58
C GLY D 268 22.13 -15.70 29.66
N SER D 269 21.81 -16.16 30.87
CA SER D 269 20.67 -17.05 31.10
C SER D 269 19.37 -16.23 31.28
N ASN D 270 18.22 -16.84 30.98
CA ASN D 270 16.93 -16.18 31.26
C ASN D 270 16.74 -16.02 32.80
N ALA D 271 17.52 -16.78 33.59
CA ALA D 271 17.56 -16.67 35.06
C ALA D 271 18.07 -15.28 35.49
N ASP D 272 18.88 -14.62 34.62
CA ASP D 272 19.40 -13.27 34.87
C ASP D 272 18.54 -12.20 34.21
N ASP D 273 17.45 -12.60 33.51
CA ASP D 273 16.65 -11.66 32.69
C ASP D 273 17.57 -11.10 31.60
N ALA D 274 18.42 -11.98 31.02
CA ALA D 274 19.47 -11.60 30.06
C ALA D 274 18.95 -10.85 28.82
N VAL D 275 17.77 -11.25 28.28
CA VAL D 275 17.23 -10.61 27.08
C VAL D 275 16.93 -9.11 27.30
N PRO D 276 16.04 -8.73 28.29
CA PRO D 276 15.75 -7.30 28.48
C PRO D 276 16.98 -6.48 28.90
N ARG D 277 17.91 -7.08 29.66
CA ARG D 277 19.17 -6.41 30.05
C ARG D 277 20.05 -6.14 28.84
N TYR D 278 20.13 -7.11 27.92
CA TYR D 278 20.88 -6.98 26.68
C TYR D 278 20.29 -5.86 25.84
N LEU D 279 18.94 -5.81 25.75
CA LEU D 279 18.22 -4.80 24.98
C LEU D 279 18.42 -3.39 25.54
N ARG D 280 18.37 -3.24 26.89
CA ARG D 280 18.60 -1.94 27.54
C ARG D 280 20.01 -1.44 27.29
N LYS D 281 20.99 -2.37 27.32
CA LYS D 281 22.40 -2.05 27.06
C LYS D 281 22.57 -1.61 25.60
N LEU D 282 21.84 -2.25 24.69
CA LEU D 282 21.94 -1.99 23.25
C LEU D 282 21.19 -0.71 22.82
N TYR D 283 19.98 -0.47 23.38
CA TYR D 283 19.11 0.63 22.95
C TYR D 283 19.15 1.86 23.86
N LEU D 284 19.22 1.65 25.19
CA LEU D 284 19.08 2.75 26.14
C LEU D 284 20.43 3.27 26.68
N ASP D 285 21.45 2.41 26.74
CA ASP D 285 22.77 2.82 27.24
C ASP D 285 23.59 3.51 26.14
#